data_3MQ7
#
_entry.id   3MQ7
#
_cell.length_a   66.004
_cell.length_b   97.156
_cell.length_c   117.404
_cell.angle_alpha   90.00
_cell.angle_beta   105.86
_cell.angle_gamma   90.00
#
_symmetry.space_group_name_H-M   'P 1 21 1'
#
loop_
_entity.id
_entity.type
_entity.pdbx_description
1 polymer 'Bone marrow stromal antigen 2'
2 non-polymer 'CALCIUM ION'
3 water water
#
_entity_poly.entity_id   1
_entity_poly.type   'polypeptide(L)'
_entity_poly.pdbx_seq_one_letter_code
;AGFS(MSE)DKANSEAARDGLRAV(MSE)EARNVTHLLQQELTEAQKGFQDVEAQAATANHTV(MSE)AL(MSE)ASLDA
EKAQGQKKVEELEGEITTLNHKLQDASAEVERLRRENQVLSVRIADKKYYPSSQDSS
;
_entity_poly.pdbx_strand_id   A,B,C,D,E,F,G,H,I,J,K,L
#
loop_
_chem_comp.id
_chem_comp.type
_chem_comp.name
_chem_comp.formula
CA non-polymer 'CALCIUM ION' 'Ca 2'
#
# COMPACT_ATOMS: atom_id res chain seq x y z
N GLU A 11 -12.39 -16.24 65.73
CA GLU A 11 -13.18 -17.09 64.79
C GLU A 11 -13.71 -16.19 63.67
N ALA A 12 -14.78 -15.46 63.97
CA ALA A 12 -15.31 -14.48 63.06
C ALA A 12 -14.38 -13.28 63.11
N ALA A 13 -13.79 -13.04 64.26
CA ALA A 13 -12.81 -11.97 64.45
C ALA A 13 -11.48 -12.23 63.76
N ARG A 14 -11.18 -13.51 63.50
CA ARG A 14 -9.96 -13.86 62.80
C ARG A 14 -10.11 -13.60 61.32
N ASP A 15 -11.25 -14.01 60.77
CA ASP A 15 -11.54 -13.83 59.36
C ASP A 15 -11.53 -12.34 59.02
N GLY A 16 -12.21 -11.56 59.85
CA GLY A 16 -12.27 -10.13 59.61
C GLY A 16 -10.87 -9.58 59.60
N LEU A 17 -10.09 -9.91 60.64
CA LEU A 17 -8.76 -9.34 60.79
C LEU A 17 -7.93 -9.73 59.60
N ARG A 18 -8.14 -10.94 59.10
CA ARG A 18 -7.41 -11.40 57.93
C ARG A 18 -7.79 -10.58 56.72
N ALA A 19 -9.09 -10.38 56.50
CA ALA A 19 -9.50 -9.58 55.32
C ALA A 19 -8.91 -8.17 55.43
N VAL A 20 -8.88 -7.60 56.63
CA VAL A 20 -8.40 -6.21 56.80
C VAL A 20 -6.93 -6.15 56.44
N MSE A 21 -6.15 -7.17 56.83
CA MSE A 21 -4.74 -7.21 56.44
C MSE A 21 -4.55 -7.42 54.92
O MSE A 21 -3.62 -6.85 54.33
CB MSE A 21 -3.96 -8.28 57.23
CG MSE A 21 -3.78 -7.90 58.72
SE MSE A 21 -3.16 -9.35 59.90
CE MSE A 21 -2.86 -8.38 61.59
N GLU A 22 -5.42 -8.17 54.28
CA GLU A 22 -5.34 -8.29 52.83
C GLU A 22 -5.66 -6.96 52.17
N ALA A 23 -6.80 -6.38 52.56
CA ALA A 23 -7.19 -5.06 52.10
C ALA A 23 -6.06 -4.08 52.16
N ARG A 24 -5.34 -4.09 53.28
CA ARG A 24 -4.22 -3.19 53.47
C ARG A 24 -3.22 -3.40 52.36
N ASN A 25 -2.83 -4.64 52.16
CA ASN A 25 -1.82 -4.99 51.16
C ASN A 25 -2.29 -4.71 49.73
N VAL A 26 -3.58 -4.84 49.50
CA VAL A 26 -4.16 -4.39 48.25
C VAL A 26 -4.00 -2.86 48.07
N THR A 27 -4.20 -2.10 49.11
CA THR A 27 -4.01 -0.66 49.00
C THR A 27 -2.57 -0.30 48.65
N HIS A 28 -1.61 -1.14 49.02
CA HIS A 28 -0.22 -0.87 48.63
C HIS A 28 0.00 -1.11 47.15
N LEU A 29 -0.69 -2.13 46.63
CA LEU A 29 -0.63 -2.44 45.22
C LEU A 29 -1.20 -1.25 44.45
N LEU A 30 -2.34 -0.77 44.93
CA LEU A 30 -3.10 0.28 44.29
C LEU A 30 -2.23 1.49 44.14
N GLN A 31 -1.51 1.78 45.21
CA GLN A 31 -0.59 2.91 45.25
C GLN A 31 0.49 2.77 44.16
N GLN A 32 1.01 1.57 44.03
CA GLN A 32 2.02 1.29 43.03
C GLN A 32 1.48 1.60 41.64
N GLU A 33 0.31 1.03 41.34
CA GLU A 33 -0.28 1.21 40.02
C GLU A 33 -0.54 2.69 39.77
N LEU A 34 -1.02 3.41 40.77
CA LEU A 34 -1.31 4.84 40.61
C LEU A 34 -0.04 5.61 40.26
N THR A 35 1.09 5.22 40.84
CA THR A 35 2.35 5.80 40.47
C THR A 35 2.59 5.60 38.97
N GLU A 36 2.45 4.37 38.50
CA GLU A 36 2.53 4.11 37.05
C GLU A 36 1.55 4.95 36.19
N ALA A 37 0.30 5.09 36.61
CA ALA A 37 -0.66 5.91 35.82
C ALA A 37 -0.16 7.34 35.72
N GLN A 38 0.36 7.84 36.83
CA GLN A 38 0.84 9.21 36.88
C GLN A 38 2.02 9.41 35.94
N LYS A 39 2.96 8.49 36.00
CA LYS A 39 4.09 8.61 35.10
C LYS A 39 3.57 8.58 33.67
N GLY A 40 2.62 7.69 33.40
CA GLY A 40 2.06 7.57 32.07
C GLY A 40 1.62 8.92 31.57
N PHE A 41 0.79 9.60 32.35
CA PHE A 41 0.21 10.86 31.91
C PHE A 41 1.23 11.93 31.63
N GLN A 42 2.25 11.99 32.47
CA GLN A 42 3.26 13.00 32.36
C GLN A 42 4.01 12.75 31.06
N ASP A 43 4.28 11.49 30.79
CA ASP A 43 5.05 11.16 29.60
C ASP A 43 4.26 11.44 28.31
N VAL A 44 2.98 11.17 28.35
CA VAL A 44 2.11 11.32 27.18
C VAL A 44 1.82 12.78 26.88
N GLU A 45 1.86 13.62 27.91
CA GLU A 45 1.72 15.04 27.71
C GLU A 45 2.98 15.56 27.03
N ALA A 46 4.13 15.10 27.49
CA ALA A 46 5.41 15.51 26.88
C ALA A 46 5.44 15.13 25.38
N GLN A 47 4.89 13.97 25.06
CA GLN A 47 4.85 13.49 23.70
C GLN A 47 3.93 14.37 22.89
N ALA A 48 2.79 14.74 23.46
CA ALA A 48 1.81 15.52 22.72
C ALA A 48 2.45 16.86 22.34
N ALA A 49 3.21 17.44 23.26
CA ALA A 49 3.86 18.70 23.01
C ALA A 49 4.73 18.52 21.78
N THR A 50 5.61 17.53 21.82
CA THR A 50 6.51 17.29 20.70
C THR A 50 5.77 17.09 19.37
N ALA A 51 4.70 16.30 19.41
CA ALA A 51 3.97 16.04 18.18
C ALA A 51 3.49 17.36 17.62
N ASN A 52 2.85 18.16 18.47
CA ASN A 52 2.32 19.44 18.05
C ASN A 52 3.37 20.42 17.56
N HIS A 53 4.58 20.36 18.12
CA HIS A 53 5.73 21.10 17.57
C HIS A 53 6.08 20.64 16.17
N THR A 54 6.06 19.34 15.93
CA THR A 54 6.39 18.81 14.59
C THR A 54 5.38 19.27 13.51
N VAL A 55 4.10 19.14 13.84
CA VAL A 55 3.02 19.62 12.99
C VAL A 55 3.19 21.11 12.68
N MSE A 56 3.40 21.92 13.70
CA MSE A 56 3.63 23.36 13.46
C MSE A 56 4.85 23.60 12.57
O MSE A 56 4.80 24.40 11.65
CB MSE A 56 3.78 24.13 14.75
CG MSE A 56 2.49 24.19 15.54
SE MSE A 56 2.57 25.15 17.24
CE MSE A 56 4.47 25.62 17.43
N ALA A 57 5.94 22.90 12.81
CA ALA A 57 7.12 23.10 11.93
C ALA A 57 6.76 22.70 10.50
N LEU A 58 6.12 21.53 10.31
CA LEU A 58 5.79 21.10 8.97
C LEU A 58 4.87 22.09 8.29
N MSE A 59 3.92 22.67 8.99
CA MSE A 59 2.91 23.53 8.30
C MSE A 59 3.66 24.73 7.82
O MSE A 59 3.43 25.18 6.68
CB MSE A 59 1.81 24.01 9.25
CG MSE A 59 0.70 23.03 9.44
SE MSE A 59 -0.40 23.38 11.03
CE MSE A 59 -1.87 24.35 10.17
N ALA A 60 4.53 25.24 8.69
CA ALA A 60 5.34 26.40 8.34
C ALA A 60 6.23 26.05 7.20
N SER A 61 6.88 24.90 7.25
CA SER A 61 7.72 24.48 6.13
C SER A 61 6.97 24.37 4.84
N LEU A 62 5.71 23.96 4.92
CA LEU A 62 4.92 23.72 3.68
C LEU A 62 4.59 25.11 3.14
N ASP A 63 4.21 26.03 4.03
CA ASP A 63 3.99 27.43 3.62
C ASP A 63 5.19 28.13 3.04
N ALA A 64 6.38 27.87 3.60
CA ALA A 64 7.62 28.40 3.00
C ALA A 64 7.64 27.94 1.58
N GLU A 65 7.51 26.64 1.41
CA GLU A 65 7.81 26.05 0.15
C GLU A 65 6.83 26.54 -0.89
N LYS A 66 5.56 26.69 -0.54
CA LYS A 66 4.61 27.16 -1.56
C LYS A 66 5.04 28.54 -1.95
N ALA A 67 5.20 29.37 -0.93
CA ALA A 67 5.58 30.74 -1.16
C ALA A 67 6.84 30.82 -2.00
N GLN A 68 7.80 29.95 -1.75
CA GLN A 68 9.06 30.04 -2.51
C GLN A 68 8.80 29.66 -3.99
N GLY A 69 8.14 28.55 -4.22
CA GLY A 69 7.82 28.18 -5.58
C GLY A 69 7.05 29.25 -6.34
N GLN A 70 6.03 29.82 -5.72
CA GLN A 70 5.16 30.82 -6.37
C GLN A 70 5.94 32.07 -6.74
N LYS A 71 6.91 32.39 -5.93
CA LYS A 71 7.75 33.52 -6.19
C LYS A 71 8.71 33.20 -7.29
N LYS A 72 9.21 31.97 -7.32
CA LYS A 72 10.17 31.62 -8.36
C LYS A 72 9.49 31.56 -9.73
N VAL A 73 8.27 31.06 -9.76
CA VAL A 73 7.51 31.13 -11.00
C VAL A 73 7.41 32.57 -11.47
N GLU A 74 6.94 33.45 -10.60
CA GLU A 74 6.79 34.85 -11.03
C GLU A 74 8.11 35.43 -11.56
N GLU A 75 9.21 35.09 -10.91
CA GLU A 75 10.48 35.63 -11.33
C GLU A 75 10.79 35.15 -12.73
N LEU A 76 10.46 33.90 -13.06
CA LEU A 76 10.79 33.36 -14.40
C LEU A 76 9.81 33.82 -15.46
N GLU A 77 8.53 33.77 -15.15
CA GLU A 77 7.54 34.24 -16.12
C GLU A 77 7.88 35.67 -16.48
N GLY A 78 8.18 36.50 -15.49
CA GLY A 78 8.53 37.89 -15.79
C GLY A 78 9.79 37.99 -16.64
N GLU A 79 10.66 37.00 -16.54
CA GLU A 79 11.92 37.02 -17.28
C GLU A 79 11.53 36.63 -18.68
N ILE A 80 10.58 35.72 -18.80
CA ILE A 80 10.09 35.33 -20.09
C ILE A 80 9.44 36.50 -20.81
N THR A 81 8.60 37.28 -20.13
CA THR A 81 7.84 38.30 -20.90
C THR A 81 8.81 39.34 -21.43
N THR A 82 9.84 39.63 -20.64
CA THR A 82 10.88 40.56 -21.06
C THR A 82 11.58 40.10 -22.32
N LEU A 83 11.96 38.83 -22.34
CA LEU A 83 12.62 38.31 -23.50
C LEU A 83 11.72 38.40 -24.72
N ASN A 84 10.41 38.22 -24.49
CA ASN A 84 9.47 38.36 -25.57
C ASN A 84 9.37 39.81 -26.09
N HIS A 85 9.55 40.78 -25.20
CA HIS A 85 9.57 42.17 -25.63
C HIS A 85 10.79 42.44 -26.48
N LYS A 86 11.95 42.14 -25.92
CA LYS A 86 13.20 42.24 -26.66
C LYS A 86 13.12 41.53 -28.01
N LEU A 87 12.58 40.32 -28.03
CA LEU A 87 12.45 39.54 -29.27
C LEU A 87 11.53 40.24 -30.27
N GLN A 88 10.51 40.93 -29.78
CA GLN A 88 9.61 41.64 -30.69
C GLN A 88 10.26 42.90 -31.27
N ASP A 89 11.03 43.62 -30.45
CA ASP A 89 11.77 44.79 -30.95
C ASP A 89 12.77 44.36 -32.00
N ALA A 90 13.61 43.40 -31.64
CA ALA A 90 14.56 42.85 -32.60
C ALA A 90 13.86 42.40 -33.90
N SER A 91 12.76 41.66 -33.79
CA SER A 91 12.09 41.11 -34.97
C SER A 91 11.56 42.23 -35.82
N ALA A 92 10.85 43.15 -35.17
CA ALA A 92 10.38 44.39 -35.80
C ALA A 92 11.48 45.09 -36.58
N GLU A 93 12.65 45.19 -35.98
CA GLU A 93 13.78 45.91 -36.57
C GLU A 93 14.30 45.22 -37.85
N VAL A 94 14.38 43.90 -37.82
CA VAL A 94 14.75 43.12 -39.01
C VAL A 94 13.81 43.42 -40.17
N GLU A 95 12.50 43.29 -39.92
CA GLU A 95 11.48 43.57 -40.90
C GLU A 95 11.64 44.97 -41.49
N ARG A 96 11.89 45.93 -40.61
CA ARG A 96 12.05 47.30 -41.02
C ARG A 96 13.26 47.38 -41.93
N LEU A 97 14.40 46.96 -41.41
CA LEU A 97 15.61 47.02 -42.21
C LEU A 97 15.46 46.32 -43.57
N ARG A 98 14.78 45.18 -43.62
CA ARG A 98 14.58 44.47 -44.89
C ARG A 98 13.79 45.29 -45.92
N ARG A 99 12.72 45.93 -45.48
CA ARG A 99 11.98 46.80 -46.39
C ARG A 99 12.79 48.02 -46.79
N GLU A 100 13.54 48.55 -45.83
CA GLU A 100 14.43 49.68 -46.09
C GLU A 100 15.54 49.27 -47.04
N ASN A 101 16.01 48.04 -46.92
CA ASN A 101 17.07 47.56 -47.79
C ASN A 101 16.56 47.38 -49.22
N GLN A 102 15.35 46.86 -49.37
CA GLN A 102 14.78 46.55 -50.69
C GLN A 102 14.45 47.82 -51.47
N VAL A 103 14.07 48.86 -50.74
CA VAL A 103 13.83 50.17 -51.31
C VAL A 103 15.13 50.73 -51.89
N LEU A 104 16.22 50.70 -51.11
CA LEU A 104 17.52 51.15 -51.60
C LEU A 104 18.03 50.23 -52.72
N SER A 105 17.67 48.95 -52.65
CA SER A 105 18.01 47.98 -53.69
C SER A 105 17.29 48.25 -55.02
N VAL A 106 16.11 48.86 -54.95
CA VAL A 106 15.33 49.20 -56.16
C VAL A 106 15.91 50.41 -56.89
N ARG A 107 16.49 51.35 -56.14
CA ARG A 107 17.22 52.48 -56.74
C ARG A 107 18.43 51.98 -57.57
N ILE A 108 19.29 51.22 -56.90
CA ILE A 108 20.60 50.87 -57.42
C ILE A 108 20.55 49.92 -58.63
N ALA A 109 19.79 48.83 -58.51
CA ALA A 109 19.72 47.79 -59.55
C ALA A 109 18.30 47.28 -59.75
N GLU B 11 -18.46 -0.58 71.24
CA GLU B 11 -17.51 0.50 71.64
C GLU B 11 -16.32 0.53 70.68
N ALA B 12 -15.47 -0.48 70.79
CA ALA B 12 -14.39 -0.69 69.82
C ALA B 12 -14.95 -1.40 68.62
N ALA B 13 -15.99 -2.20 68.82
CA ALA B 13 -16.66 -2.90 67.73
C ALA B 13 -17.57 -2.00 66.92
N ARG B 14 -17.80 -0.77 67.39
CA ARG B 14 -18.50 0.26 66.62
C ARG B 14 -17.48 1.02 65.79
N ASP B 15 -16.47 1.58 66.44
CA ASP B 15 -15.45 2.37 65.76
C ASP B 15 -14.85 1.61 64.58
N GLY B 16 -14.73 0.29 64.74
CA GLY B 16 -14.18 -0.57 63.70
C GLY B 16 -15.13 -0.82 62.57
N LEU B 17 -16.38 -1.10 62.89
CA LEU B 17 -17.40 -1.24 61.85
C LEU B 17 -17.50 0.13 61.15
N ARG B 18 -17.48 1.21 61.92
CA ARG B 18 -17.57 2.52 61.30
C ARG B 18 -16.46 2.70 60.24
N ALA B 19 -15.24 2.34 60.60
CA ALA B 19 -14.13 2.54 59.73
C ALA B 19 -14.28 1.67 58.48
N VAL B 20 -14.72 0.44 58.64
CA VAL B 20 -15.07 -0.41 57.49
C VAL B 20 -16.17 0.23 56.62
N MSE B 21 -17.18 0.84 57.21
CA MSE B 21 -18.24 1.48 56.38
C MSE B 21 -17.71 2.63 55.57
O MSE B 21 -18.09 2.81 54.41
CB MSE B 21 -19.41 1.93 57.25
CG MSE B 21 -20.32 0.77 57.69
SE MSE B 21 -21.70 1.16 59.08
CE MSE B 21 -22.48 -0.65 59.16
N GLU B 22 -16.83 3.42 56.17
CA GLU B 22 -16.27 4.59 55.49
C GLU B 22 -15.36 4.14 54.36
N ALA B 23 -14.48 3.17 54.65
CA ALA B 23 -13.66 2.52 53.63
C ALA B 23 -14.47 2.04 52.43
N ARG B 24 -15.61 1.44 52.70
CA ARG B 24 -16.48 1.02 51.61
C ARG B 24 -16.95 2.19 50.73
N ASN B 25 -17.26 3.31 51.34
CA ASN B 25 -17.69 4.49 50.58
C ASN B 25 -16.51 5.15 49.80
N VAL B 26 -15.32 5.14 50.39
CA VAL B 26 -14.12 5.57 49.67
C VAL B 26 -13.82 4.73 48.44
N THR B 27 -13.91 3.44 48.58
CA THR B 27 -13.62 2.60 47.46
C THR B 27 -14.58 2.83 46.32
N HIS B 28 -15.81 3.28 46.58
CA HIS B 28 -16.68 3.69 45.47
C HIS B 28 -16.12 4.93 44.80
N LEU B 29 -15.56 5.81 45.62
CA LEU B 29 -14.96 7.04 45.12
C LEU B 29 -13.81 6.76 44.21
N LEU B 30 -12.90 5.91 44.70
CA LEU B 30 -11.77 5.42 43.92
C LEU B 30 -12.21 4.87 42.57
N GLN B 31 -13.18 3.98 42.59
CA GLN B 31 -13.66 3.36 41.36
C GLN B 31 -13.99 4.46 40.35
N GLN B 32 -14.67 5.51 40.80
CA GLN B 32 -15.02 6.64 39.93
C GLN B 32 -13.80 7.36 39.34
N GLU B 33 -12.83 7.64 40.18
CA GLU B 33 -11.63 8.29 39.70
C GLU B 33 -10.92 7.42 38.66
N LEU B 34 -10.84 6.12 38.91
CA LEU B 34 -10.15 5.22 37.99
C LEU B 34 -10.79 5.26 36.60
N THR B 35 -12.12 5.18 36.53
CA THR B 35 -12.82 5.38 35.25
C THR B 35 -12.39 6.66 34.56
N GLU B 36 -12.41 7.75 35.29
CA GLU B 36 -11.91 9.00 34.76
C GLU B 36 -10.49 8.88 34.25
N ALA B 37 -9.61 8.26 35.03
CA ALA B 37 -8.21 8.14 34.61
C ALA B 37 -8.14 7.31 33.35
N GLN B 38 -9.02 6.30 33.29
CA GLN B 38 -9.09 5.43 32.11
C GLN B 38 -9.44 6.24 30.91
N LYS B 39 -10.53 6.97 30.98
CA LYS B 39 -11.01 7.76 29.84
C LYS B 39 -9.91 8.67 29.34
N GLY B 40 -9.27 9.34 30.29
CA GLY B 40 -8.14 10.21 29.98
C GLY B 40 -7.14 9.53 29.05
N PHE B 41 -6.74 8.29 29.37
CA PHE B 41 -5.78 7.60 28.54
C PHE B 41 -6.34 7.28 27.17
N GLN B 42 -7.57 6.77 27.13
CA GLN B 42 -8.16 6.39 25.85
C GLN B 42 -8.27 7.63 24.94
N ASP B 43 -8.56 8.77 25.56
CA ASP B 43 -8.66 10.02 24.82
C ASP B 43 -7.31 10.54 24.38
N VAL B 44 -6.28 10.37 25.22
CA VAL B 44 -4.93 10.78 24.86
C VAL B 44 -4.35 9.91 23.77
N GLU B 45 -4.77 8.65 23.72
CA GLU B 45 -4.23 7.79 22.68
C GLU B 45 -4.78 8.16 21.32
N ALA B 46 -6.03 8.59 21.28
CA ALA B 46 -6.73 8.86 20.01
C ALA B 46 -6.13 10.13 19.41
N GLN B 47 -5.86 11.07 20.29
CA GLN B 47 -5.17 12.25 19.92
C GLN B 47 -3.84 11.86 19.26
N ALA B 48 -3.11 10.91 19.84
CA ALA B 48 -1.74 10.68 19.39
C ALA B 48 -1.81 10.20 17.99
N ALA B 49 -2.83 9.37 17.71
CA ALA B 49 -3.02 8.87 16.38
C ALA B 49 -3.37 9.95 15.36
N THR B 50 -4.17 10.92 15.77
CA THR B 50 -4.58 11.97 14.83
C THR B 50 -3.37 12.81 14.43
N ALA B 51 -2.58 13.21 15.41
CA ALA B 51 -1.37 13.94 15.21
C ALA B 51 -0.46 13.22 14.25
N ASN B 52 -0.38 11.90 14.37
CA ASN B 52 0.52 11.16 13.50
C ASN B 52 0.09 11.19 12.08
N HIS B 53 -1.21 11.16 11.81
CA HIS B 53 -1.69 11.17 10.43
C HIS B 53 -1.33 12.53 9.87
N THR B 54 -1.65 13.58 10.63
CA THR B 54 -1.40 14.96 10.21
C THR B 54 0.05 15.16 9.75
N VAL B 55 0.99 14.60 10.50
CA VAL B 55 2.38 14.68 10.21
C VAL B 55 2.65 14.02 8.92
N MSE B 56 2.19 12.79 8.79
CA MSE B 56 2.34 12.11 7.52
C MSE B 56 1.71 12.89 6.38
O MSE B 56 2.32 12.99 5.29
CB MSE B 56 1.76 10.71 7.61
CG MSE B 56 2.55 9.85 8.58
SE MSE B 56 1.97 8.00 8.71
CE MSE B 56 0.08 8.05 8.28
N ALA B 57 0.52 13.43 6.59
CA ALA B 57 -0.13 14.16 5.52
C ALA B 57 0.71 15.34 5.12
N LEU B 58 1.15 16.12 6.11
CA LEU B 58 1.99 17.26 5.82
C LEU B 58 3.26 16.85 5.08
N MSE B 59 3.85 15.74 5.47
CA MSE B 59 5.10 15.33 4.82
C MSE B 59 4.80 14.98 3.35
O MSE B 59 5.55 15.30 2.45
CB MSE B 59 5.71 14.12 5.56
CG MSE B 59 6.62 14.51 6.72
SE MSE B 59 7.07 13.06 7.97
CE MSE B 59 8.80 12.50 7.23
N ALA B 60 3.69 14.31 3.13
CA ALA B 60 3.37 13.93 1.77
C ALA B 60 3.08 15.22 0.97
N SER B 61 2.41 16.19 1.60
CA SER B 61 2.05 17.41 0.89
C SER B 61 3.26 18.19 0.51
N LEU B 62 4.23 18.17 1.40
CA LEU B 62 5.44 18.91 1.21
C LEU B 62 6.17 18.34 0.03
N ASP B 63 6.42 17.03 0.06
CA ASP B 63 7.07 16.35 -1.06
C ASP B 63 6.43 16.63 -2.40
N ALA B 64 5.09 16.69 -2.46
CA ALA B 64 4.41 16.94 -3.74
C ALA B 64 4.67 18.36 -4.15
N GLU B 65 4.70 19.25 -3.18
CA GLU B 65 4.90 20.64 -3.48
C GLU B 65 6.32 20.85 -3.99
N LYS B 66 7.29 20.10 -3.48
CA LYS B 66 8.65 20.24 -3.96
C LYS B 66 8.75 19.60 -5.35
N ALA B 67 8.08 18.48 -5.57
CA ALA B 67 8.06 17.90 -6.90
C ALA B 67 7.43 18.87 -7.91
N GLN B 68 6.25 19.38 -7.61
CA GLN B 68 5.50 20.16 -8.61
C GLN B 68 6.22 21.45 -8.91
N GLY B 69 6.84 22.00 -7.89
CA GLY B 69 7.64 23.18 -8.07
C GLY B 69 8.79 22.92 -9.01
N GLN B 70 9.62 21.94 -8.67
CA GLN B 70 10.82 21.68 -9.43
C GLN B 70 10.47 21.53 -10.87
N LYS B 71 9.37 20.82 -11.16
CA LYS B 71 8.93 20.59 -12.56
C LYS B 71 8.55 21.90 -13.27
N LYS B 72 7.87 22.78 -12.56
CA LYS B 72 7.48 24.05 -13.15
C LYS B 72 8.73 24.85 -13.53
N VAL B 73 9.73 24.87 -12.65
CA VAL B 73 10.94 25.61 -12.93
C VAL B 73 11.56 25.09 -14.18
N GLU B 74 11.81 23.80 -14.23
CA GLU B 74 12.37 23.22 -15.44
C GLU B 74 11.66 23.75 -16.68
N GLU B 75 10.34 23.75 -16.65
CA GLU B 75 9.56 24.16 -17.81
C GLU B 75 9.93 25.59 -18.18
N LEU B 76 10.08 26.43 -17.18
CA LEU B 76 10.29 27.83 -17.45
C LEU B 76 11.71 28.11 -17.88
N GLU B 77 12.65 27.43 -17.24
CA GLU B 77 14.05 27.64 -17.54
C GLU B 77 14.30 27.18 -18.98
N GLY B 78 13.73 26.05 -19.34
CA GLY B 78 13.82 25.59 -20.72
C GLY B 78 13.25 26.61 -21.70
N GLU B 79 12.12 27.21 -21.34
CA GLU B 79 11.50 28.24 -22.16
C GLU B 79 12.47 29.41 -22.27
N ILE B 80 13.05 29.80 -21.13
CA ILE B 80 14.02 30.91 -21.11
C ILE B 80 15.16 30.67 -22.08
N THR B 81 15.74 29.48 -22.05
CA THR B 81 16.90 29.21 -22.90
C THR B 81 16.50 29.27 -24.41
N THR B 82 15.47 28.54 -24.79
CA THR B 82 14.96 28.65 -26.17
C THR B 82 14.73 30.11 -26.61
N LEU B 83 14.29 30.97 -25.70
CA LEU B 83 14.08 32.38 -26.03
C LEU B 83 15.41 33.14 -26.18
N ASN B 84 16.43 32.71 -25.44
CA ASN B 84 17.74 33.33 -25.56
C ASN B 84 18.38 32.99 -26.89
N HIS B 85 18.14 31.76 -27.34
CA HIS B 85 18.56 31.37 -28.67
C HIS B 85 17.90 32.27 -29.71
N LYS B 86 16.58 32.35 -29.70
CA LYS B 86 15.88 33.09 -30.76
C LYS B 86 16.43 34.52 -30.79
N LEU B 87 16.67 35.05 -29.61
CA LEU B 87 17.08 36.43 -29.45
C LEU B 87 18.44 36.69 -30.07
N GLN B 88 19.34 35.74 -29.93
CA GLN B 88 20.67 35.91 -30.49
C GLN B 88 20.63 35.96 -32.02
N ASP B 89 19.72 35.18 -32.63
CA ASP B 89 19.63 35.12 -34.07
C ASP B 89 19.11 36.44 -34.57
N ALA B 90 18.01 36.89 -33.98
CA ALA B 90 17.44 38.13 -34.40
C ALA B 90 18.47 39.24 -34.17
N SER B 91 19.17 39.19 -33.05
CA SER B 91 20.13 40.23 -32.72
C SER B 91 21.32 40.27 -33.68
N ALA B 92 21.79 39.08 -34.08
CA ALA B 92 22.84 38.96 -35.08
C ALA B 92 22.34 39.46 -36.45
N GLU B 93 21.06 39.20 -36.72
CA GLU B 93 20.46 39.60 -38.00
C GLU B 93 20.37 41.12 -38.13
N VAL B 94 20.02 41.81 -37.05
CA VAL B 94 20.00 43.27 -37.05
C VAL B 94 21.37 43.86 -37.39
N GLU B 95 22.36 43.56 -36.55
CA GLU B 95 23.74 44.03 -36.75
C GLU B 95 24.16 43.83 -38.18
N ARG B 96 23.91 42.63 -38.68
CA ARG B 96 24.24 42.25 -40.04
C ARG B 96 23.62 43.19 -41.04
N LEU B 97 22.32 43.38 -40.93
CA LEU B 97 21.60 44.28 -41.84
C LEU B 97 22.01 45.74 -41.67
N ARG B 98 22.43 46.14 -40.46
CA ARG B 98 22.98 47.48 -40.23
C ARG B 98 24.28 47.77 -41.00
N ARG B 99 25.25 46.86 -40.90
CA ARG B 99 26.51 46.99 -41.63
C ARG B 99 26.29 46.92 -43.13
N GLU B 100 25.45 45.97 -43.55
CA GLU B 100 25.01 45.84 -44.94
C GLU B 100 24.33 47.11 -45.42
N ASN B 101 23.53 47.73 -44.55
CA ASN B 101 22.82 48.97 -44.88
C ASN B 101 23.76 50.18 -44.98
N GLN B 102 24.72 50.25 -44.07
CA GLN B 102 25.72 51.32 -44.07
C GLN B 102 26.65 51.23 -45.28
N VAL B 103 26.90 50.01 -45.75
CA VAL B 103 27.69 49.79 -46.96
C VAL B 103 26.99 50.32 -48.22
N LEU B 104 25.68 50.05 -48.32
CA LEU B 104 24.86 50.59 -49.42
C LEU B 104 24.61 52.10 -49.25
N SER B 105 24.61 52.58 -48.01
CA SER B 105 24.51 54.01 -47.72
C SER B 105 25.75 54.79 -48.16
N VAL B 106 26.90 54.11 -48.17
CA VAL B 106 28.19 54.72 -48.57
C VAL B 106 28.28 54.92 -50.09
N ARG B 107 27.72 53.98 -50.85
CA ARG B 107 27.64 54.10 -52.31
C ARG B 107 26.78 55.29 -52.73
N ILE B 108 25.57 55.35 -52.18
CA ILE B 108 24.52 56.28 -52.62
C ILE B 108 24.81 57.74 -52.22
N ALA B 109 25.28 57.95 -50.99
CA ALA B 109 25.58 59.29 -50.48
C ALA B 109 26.77 59.27 -49.54
N GLU C 11 -5.09 18.55 28.41
CA GLU C 11 -6.58 18.70 28.32
C GLU C 11 -7.26 17.44 28.89
N ALA C 12 -7.18 16.33 28.15
CA ALA C 12 -7.54 15.03 28.70
C ALA C 12 -6.42 14.48 29.60
N ALA C 13 -5.17 14.84 29.31
CA ALA C 13 -4.02 14.41 30.14
C ALA C 13 -3.99 15.10 31.51
N ARG C 14 -4.64 16.27 31.64
CA ARG C 14 -4.72 16.96 32.92
C ARG C 14 -5.81 16.38 33.80
N ASP C 15 -6.99 16.13 33.22
CA ASP C 15 -8.10 15.50 33.95
C ASP C 15 -7.64 14.19 34.60
N GLY C 16 -7.00 13.37 33.78
CA GLY C 16 -6.53 12.05 34.17
C GLY C 16 -5.50 12.20 35.26
N LEU C 17 -4.48 13.01 35.00
CA LEU C 17 -3.43 13.19 36.00
C LEU C 17 -4.07 13.61 37.32
N ARG C 18 -5.04 14.50 37.24
CA ARG C 18 -5.78 14.96 38.42
C ARG C 18 -6.53 13.82 39.06
N ALA C 19 -7.14 12.95 38.25
CA ALA C 19 -7.97 11.90 38.82
C ALA C 19 -7.06 10.88 39.50
N VAL C 20 -5.95 10.58 38.85
CA VAL C 20 -4.92 9.80 39.48
C VAL C 20 -4.49 10.35 40.83
N MSE C 21 -4.21 11.66 40.94
CA MSE C 21 -3.67 12.18 42.19
C MSE C 21 -4.73 12.25 43.27
O MSE C 21 -4.42 12.26 44.44
CB MSE C 21 -3.01 13.55 42.00
CG MSE C 21 -1.60 13.43 41.41
SE MSE C 21 -0.80 15.16 41.00
CE MSE C 21 0.57 14.69 39.69
N GLU C 22 -6.00 12.30 42.88
CA GLU C 22 -7.07 12.23 43.86
C GLU C 22 -7.18 10.81 44.34
N ALA C 23 -7.08 9.86 43.39
CA ALA C 23 -7.09 8.42 43.69
C ALA C 23 -5.99 8.06 44.72
N ARG C 24 -4.85 8.69 44.57
CA ARG C 24 -3.72 8.51 45.48
C ARG C 24 -4.10 8.94 46.88
N ASN C 25 -4.64 10.14 46.99
CA ASN C 25 -5.02 10.66 48.30
C ASN C 25 -6.09 9.78 48.96
N VAL C 26 -7.09 9.40 48.19
CA VAL C 26 -8.08 8.49 48.68
C VAL C 26 -7.47 7.15 49.13
N THR C 27 -6.52 6.60 48.40
CA THR C 27 -5.86 5.39 48.91
C THR C 27 -5.27 5.62 50.29
N HIS C 28 -4.70 6.80 50.55
CA HIS C 28 -4.13 7.11 51.88
C HIS C 28 -5.21 7.10 52.95
N LEU C 29 -6.40 7.60 52.60
CA LEU C 29 -7.53 7.57 53.52
C LEU C 29 -7.96 6.13 53.78
N LEU C 30 -8.05 5.36 52.71
CA LEU C 30 -8.32 3.96 52.83
C LEU C 30 -7.40 3.36 53.86
N GLN C 31 -6.10 3.59 53.68
CA GLN C 31 -5.09 3.00 54.55
C GLN C 31 -5.35 3.29 56.03
N GLN C 32 -5.81 4.50 56.30
CA GLN C 32 -6.11 4.93 57.66
C GLN C 32 -7.30 4.17 58.25
N GLU C 33 -8.39 4.09 57.50
CA GLU C 33 -9.56 3.36 57.97
C GLU C 33 -9.23 1.89 58.27
N LEU C 34 -8.43 1.28 57.40
CA LEU C 34 -8.00 -0.08 57.62
C LEU C 34 -7.15 -0.24 58.91
N THR C 35 -6.33 0.74 59.26
CA THR C 35 -5.68 0.70 60.57
C THR C 35 -6.69 0.67 61.71
N GLU C 36 -7.64 1.59 61.69
CA GLU C 36 -8.77 1.54 62.62
C GLU C 36 -9.54 0.21 62.62
N ALA C 37 -9.80 -0.36 61.46
CA ALA C 37 -10.53 -1.65 61.40
C ALA C 37 -9.71 -2.70 62.06
N GLN C 38 -8.40 -2.56 61.93
CA GLN C 38 -7.56 -3.61 62.42
C GLN C 38 -7.53 -3.55 63.93
N LYS C 39 -7.56 -2.34 64.47
CA LYS C 39 -7.56 -2.17 65.89
C LYS C 39 -8.89 -2.63 66.50
N GLY C 40 -9.99 -2.45 65.78
CA GLY C 40 -11.27 -2.86 66.30
C GLY C 40 -11.28 -4.34 66.59
N PHE C 41 -11.06 -5.12 65.54
CA PHE C 41 -10.91 -6.53 65.71
C PHE C 41 -9.99 -6.94 66.85
N GLN C 42 -8.87 -6.28 67.02
CA GLN C 42 -7.93 -6.75 68.03
C GLN C 42 -8.52 -6.49 69.40
N ASP C 43 -9.19 -5.36 69.54
CA ASP C 43 -9.82 -5.03 70.82
C ASP C 43 -11.04 -5.91 71.10
N VAL C 44 -11.79 -6.20 70.06
CA VAL C 44 -12.95 -7.06 70.20
C VAL C 44 -12.58 -8.47 70.63
N GLU C 45 -11.46 -8.94 70.11
CA GLU C 45 -11.03 -10.31 70.44
C GLU C 45 -10.56 -10.38 71.89
N ALA C 46 -9.90 -9.34 72.37
CA ALA C 46 -9.48 -9.22 73.76
C ALA C 46 -10.73 -9.24 74.62
N GLN C 47 -11.74 -8.48 74.21
CA GLN C 47 -13.03 -8.45 74.90
C GLN C 47 -13.71 -9.82 75.01
N ALA C 48 -13.78 -10.53 73.90
CA ALA C 48 -14.47 -11.83 73.89
C ALA C 48 -13.69 -12.78 74.76
N ALA C 49 -12.37 -12.64 74.81
CA ALA C 49 -11.60 -13.47 75.72
C ALA C 49 -12.09 -13.21 77.11
N THR C 50 -12.16 -11.95 77.52
CA THR C 50 -12.52 -11.68 78.89
C THR C 50 -13.93 -12.15 79.24
N ALA C 51 -14.85 -12.04 78.31
CA ALA C 51 -16.20 -12.51 78.60
C ALA C 51 -16.10 -14.00 78.80
N ASN C 52 -15.25 -14.66 78.00
CA ASN C 52 -15.19 -16.12 78.08
C ASN C 52 -14.67 -16.64 79.42
N HIS C 53 -13.67 -15.94 79.97
CA HIS C 53 -13.18 -16.21 81.29
C HIS C 53 -14.32 -15.99 82.28
N THR C 54 -15.10 -14.95 82.11
CA THR C 54 -16.18 -14.76 83.06
C THR C 54 -17.22 -15.89 82.96
N VAL C 55 -17.63 -16.28 81.77
CA VAL C 55 -18.58 -17.41 81.66
C VAL C 55 -18.03 -18.66 82.32
N MSE C 56 -16.74 -18.95 82.10
CA MSE C 56 -16.14 -20.16 82.66
C MSE C 56 -16.04 -20.13 84.18
O MSE C 56 -16.30 -21.12 84.85
CB MSE C 56 -14.78 -20.42 82.05
CG MSE C 56 -14.75 -20.73 80.53
SE MSE C 56 -12.92 -21.17 79.98
CE MSE C 56 -11.95 -19.71 80.80
N ALA C 57 -15.66 -18.98 84.73
CA ALA C 57 -15.67 -18.82 86.19
C ALA C 57 -17.11 -18.95 86.72
N LEU C 58 -18.06 -18.34 86.04
CA LEU C 58 -19.42 -18.47 86.57
C LEU C 58 -19.84 -19.93 86.52
N MSE C 59 -19.51 -20.62 85.45
CA MSE C 59 -19.92 -22.05 85.35
C MSE C 59 -19.28 -22.89 86.41
O MSE C 59 -19.91 -23.82 86.94
CB MSE C 59 -19.55 -22.62 83.97
CG MSE C 59 -20.61 -22.45 82.93
SE MSE C 59 -19.97 -22.84 81.15
CE MSE C 59 -20.63 -24.69 80.97
N ALA C 60 -18.01 -22.62 86.70
CA ALA C 60 -17.31 -23.40 87.75
C ALA C 60 -17.89 -23.03 89.12
N SER C 61 -18.16 -21.75 89.37
CA SER C 61 -18.78 -21.46 90.67
C SER C 61 -20.13 -22.14 90.76
N LEU C 62 -20.80 -22.33 89.64
CA LEU C 62 -22.13 -22.91 89.71
C LEU C 62 -22.02 -24.39 90.03
N ASP C 63 -21.07 -25.07 89.40
CA ASP C 63 -20.86 -26.51 89.64
C ASP C 63 -20.37 -26.87 91.02
N ALA C 64 -19.46 -26.05 91.54
CA ALA C 64 -19.00 -26.23 92.91
C ALA C 64 -20.24 -26.06 93.78
N GLU C 65 -20.98 -24.95 93.64
CA GLU C 65 -22.10 -24.68 94.55
C GLU C 65 -23.09 -25.82 94.65
N LYS C 66 -23.45 -26.41 93.49
CA LYS C 66 -24.43 -27.50 93.40
C LYS C 66 -23.89 -28.78 93.99
N ALA C 67 -22.74 -29.23 93.48
CA ALA C 67 -22.14 -30.49 93.98
C ALA C 67 -21.84 -30.40 95.47
N GLN C 68 -21.28 -29.28 95.91
CA GLN C 68 -21.08 -29.01 97.32
C GLN C 68 -22.38 -29.15 98.11
N GLY C 69 -23.44 -28.53 97.61
CA GLY C 69 -24.69 -28.48 98.33
C GLY C 69 -25.40 -29.82 98.40
N GLN C 70 -25.36 -30.58 97.29
CA GLN C 70 -25.94 -31.92 97.26
C GLN C 70 -25.24 -32.82 98.28
N LYS C 71 -23.91 -32.71 98.33
CA LYS C 71 -23.09 -33.47 99.25
C LYS C 71 -23.43 -33.09 100.69
N LYS C 72 -23.58 -31.79 100.95
CA LYS C 72 -23.85 -31.33 102.31
C LYS C 72 -25.14 -31.95 102.80
N VAL C 73 -26.16 -31.89 101.96
CA VAL C 73 -27.47 -32.46 102.23
C VAL C 73 -27.38 -33.93 102.63
N GLU C 74 -26.66 -34.72 101.85
CA GLU C 74 -26.47 -36.13 102.19
C GLU C 74 -25.84 -36.27 103.55
N GLU C 75 -24.76 -35.50 103.77
CA GLU C 75 -24.10 -35.48 105.06
C GLU C 75 -25.14 -35.21 106.14
N LEU C 76 -25.96 -34.19 105.95
CA LEU C 76 -26.93 -33.85 107.00
C LEU C 76 -28.05 -34.89 107.16
N GLU C 77 -28.50 -35.47 106.06
CA GLU C 77 -29.59 -36.43 106.13
C GLU C 77 -29.16 -37.72 106.80
N GLY C 78 -27.92 -38.16 106.53
CA GLY C 78 -27.37 -39.33 107.22
C GLY C 78 -27.27 -39.10 108.73
N GLU C 79 -26.79 -37.91 109.09
CA GLU C 79 -26.66 -37.48 110.49
C GLU C 79 -28.03 -37.63 111.13
N ILE C 80 -29.04 -37.16 110.40
CA ILE C 80 -30.41 -37.17 110.87
C ILE C 80 -30.93 -38.58 111.08
N THR C 81 -30.58 -39.50 110.18
CA THR C 81 -31.03 -40.88 110.39
C THR C 81 -30.24 -41.55 111.52
N THR C 82 -28.93 -41.29 111.59
CA THR C 82 -28.11 -41.78 112.71
C THR C 82 -28.72 -41.36 114.05
N LEU C 83 -29.22 -40.13 114.11
CA LEU C 83 -29.87 -39.62 115.34
C LEU C 83 -31.25 -40.20 115.58
N ASN C 84 -31.96 -40.53 114.51
CA ASN C 84 -33.24 -41.19 114.64
C ASN C 84 -33.09 -42.61 115.21
N HIS C 85 -32.00 -43.30 114.86
CA HIS C 85 -31.73 -44.64 115.37
C HIS C 85 -31.38 -44.61 116.87
N LYS C 86 -30.49 -43.70 117.24
CA LYS C 86 -30.16 -43.48 118.64
C LYS C 86 -31.38 -43.05 119.47
N LEU C 87 -32.33 -42.38 118.83
CA LEU C 87 -33.57 -41.96 119.51
C LEU C 87 -34.49 -43.14 119.77
N GLN C 88 -34.57 -44.04 118.80
CA GLN C 88 -35.36 -45.26 118.95
C GLN C 88 -34.83 -46.17 120.04
N ASP C 89 -33.51 -46.34 120.09
CA ASP C 89 -32.86 -47.13 121.15
C ASP C 89 -33.14 -46.52 122.53
N ALA C 90 -32.92 -45.22 122.65
CA ALA C 90 -33.19 -44.53 123.92
C ALA C 90 -34.65 -44.70 124.27
N SER C 91 -35.52 -44.50 123.29
CA SER C 91 -36.95 -44.58 123.52
C SER C 91 -37.36 -45.99 123.97
N ALA C 92 -36.81 -46.99 123.27
CA ALA C 92 -37.10 -48.40 123.57
C ALA C 92 -36.64 -48.76 124.97
N GLU C 93 -35.47 -48.25 125.35
CA GLU C 93 -34.91 -48.47 126.67
C GLU C 93 -35.82 -47.89 127.76
N VAL C 94 -36.35 -46.69 127.54
CA VAL C 94 -37.25 -46.07 128.51
C VAL C 94 -38.46 -46.99 128.74
N GLU C 95 -39.17 -47.29 127.65
CA GLU C 95 -40.32 -48.20 127.67
C GLU C 95 -40.06 -49.53 128.39
N ARG C 96 -38.87 -50.08 128.20
CA ARG C 96 -38.48 -51.34 128.83
C ARG C 96 -38.31 -51.11 130.31
N LEU C 97 -37.67 -50.01 130.67
CA LEU C 97 -37.49 -49.71 132.08
C LEU C 97 -38.79 -49.34 132.81
N ARG C 98 -39.78 -48.82 132.08
CA ARG C 98 -41.10 -48.48 132.69
C ARG C 98 -41.97 -49.69 132.99
N ARG C 99 -41.93 -50.67 132.09
CA ARG C 99 -42.60 -51.94 132.33
C ARG C 99 -41.86 -52.68 133.42
N GLU C 100 -40.53 -52.73 133.31
CA GLU C 100 -39.69 -53.39 134.31
C GLU C 100 -39.86 -52.77 135.69
N ASN C 101 -40.05 -51.45 135.71
CA ASN C 101 -40.26 -50.77 136.99
C ASN C 101 -41.64 -51.07 137.59
N GLN C 102 -42.67 -51.08 136.75
CA GLN C 102 -44.05 -51.34 137.19
C GLN C 102 -44.23 -52.77 137.75
N VAL C 103 -43.45 -53.71 137.19
CA VAL C 103 -43.41 -55.11 137.64
C VAL C 103 -42.83 -55.21 139.05
N LEU C 104 -41.70 -54.55 139.30
CA LEU C 104 -41.12 -54.50 140.64
C LEU C 104 -41.99 -53.66 141.59
N SER C 105 -42.75 -52.72 141.03
CA SER C 105 -43.71 -51.93 141.80
C SER C 105 -44.92 -52.75 142.27
N VAL C 106 -45.32 -53.76 141.49
CA VAL C 106 -46.47 -54.62 141.83
C VAL C 106 -46.14 -55.59 142.97
N ARG C 107 -44.91 -56.11 143.00
CA ARG C 107 -44.42 -56.94 144.11
C ARG C 107 -44.47 -56.16 145.42
N ILE C 108 -43.77 -55.03 145.42
CA ILE C 108 -43.52 -54.26 146.64
C ILE C 108 -44.83 -53.69 147.19
N ALA C 109 -45.62 -53.06 146.32
CA ALA C 109 -46.88 -52.41 146.72
C ALA C 109 -47.97 -52.67 145.69
N GLU D 11 2.50 3.32 23.92
CA GLU D 11 3.83 3.07 24.56
C GLU D 11 3.69 3.40 26.06
N ALA D 12 3.95 4.64 26.46
CA ALA D 12 3.70 5.09 27.82
C ALA D 12 2.20 5.16 28.07
N ALA D 13 1.42 5.34 27.01
CA ALA D 13 -0.04 5.37 27.12
C ALA D 13 -0.65 4.00 27.35
N ARG D 14 0.08 2.94 27.00
CA ARG D 14 -0.38 1.59 27.22
C ARG D 14 -0.15 1.17 28.65
N ASP D 15 1.07 1.36 29.12
CA ASP D 15 1.46 1.06 30.48
C ASP D 15 0.54 1.72 31.51
N GLY D 16 0.32 3.02 31.35
CA GLY D 16 -0.60 3.72 32.20
C GLY D 16 -1.98 3.11 32.06
N LEU D 17 -2.46 2.96 30.84
CA LEU D 17 -3.83 2.37 30.71
C LEU D 17 -3.85 1.00 31.40
N ARG D 18 -2.77 0.25 31.25
CA ARG D 18 -2.66 -1.01 31.94
C ARG D 18 -2.75 -0.85 33.44
N ALA D 19 -2.03 0.11 33.98
CA ALA D 19 -2.03 0.25 35.43
C ALA D 19 -3.41 0.65 35.95
N VAL D 20 -4.08 1.53 35.23
CA VAL D 20 -5.43 1.94 35.61
C VAL D 20 -6.37 0.71 35.59
N MSE D 21 -6.24 -0.18 34.62
CA MSE D 21 -7.13 -1.36 34.57
C MSE D 21 -6.80 -2.36 35.69
O MSE D 21 -7.70 -3.04 36.19
CB MSE D 21 -7.06 -2.05 33.20
CG MSE D 21 -7.77 -1.30 32.06
SE MSE D 21 -7.38 -1.98 30.22
CE MSE D 21 -8.55 -0.77 29.21
N GLU D 22 -5.54 -2.46 36.06
CA GLU D 22 -5.15 -3.33 37.16
C GLU D 22 -5.69 -2.76 38.46
N ALA D 23 -5.56 -1.45 38.62
CA ALA D 23 -6.03 -0.80 39.82
C ALA D 23 -7.56 -0.92 39.99
N ARG D 24 -8.30 -0.88 38.89
CA ARG D 24 -9.76 -1.14 38.90
C ARG D 24 -10.13 -2.51 39.41
N ASN D 25 -9.44 -3.53 38.93
CA ASN D 25 -9.67 -4.89 39.42
C ASN D 25 -9.31 -5.03 40.90
N VAL D 26 -8.18 -4.47 41.30
CA VAL D 26 -7.81 -4.42 42.72
C VAL D 26 -8.88 -3.78 43.59
N THR D 27 -9.55 -2.77 43.06
CA THR D 27 -10.57 -2.18 43.86
C THR D 27 -11.74 -3.10 44.00
N HIS D 28 -12.10 -3.87 42.97
CA HIS D 28 -13.19 -4.88 43.15
C HIS D 28 -12.81 -5.88 44.25
N LEU D 29 -11.56 -6.29 44.30
CA LEU D 29 -11.09 -7.14 45.36
C LEU D 29 -11.37 -6.47 46.68
N LEU D 30 -10.81 -5.27 46.82
CA LEU D 30 -10.85 -4.53 48.06
C LEU D 30 -12.30 -4.46 48.55
N GLN D 31 -13.19 -4.01 47.68
CA GLN D 31 -14.63 -4.03 47.98
C GLN D 31 -15.11 -5.38 48.57
N GLN D 32 -14.64 -6.49 48.02
CA GLN D 32 -15.00 -7.80 48.57
C GLN D 32 -14.43 -8.02 49.99
N GLU D 33 -13.19 -7.59 50.22
CA GLU D 33 -12.58 -7.86 51.51
C GLU D 33 -13.21 -6.96 52.57
N LEU D 34 -13.72 -5.80 52.16
CA LEU D 34 -14.43 -4.93 53.08
C LEU D 34 -15.81 -5.50 53.48
N THR D 35 -16.50 -6.14 52.54
CA THR D 35 -17.69 -6.93 52.87
C THR D 35 -17.41 -8.02 53.93
N GLU D 36 -16.35 -8.79 53.73
CA GLU D 36 -15.92 -9.77 54.73
C GLU D 36 -15.63 -9.13 56.10
N ALA D 37 -14.95 -7.99 56.10
CA ALA D 37 -14.61 -7.29 57.36
C ALA D 37 -15.86 -6.79 58.03
N GLN D 38 -16.84 -6.34 57.23
CA GLN D 38 -18.07 -5.83 57.78
C GLN D 38 -18.81 -6.95 58.48
N LYS D 39 -18.89 -8.10 57.81
CA LYS D 39 -19.65 -9.24 58.31
C LYS D 39 -19.04 -9.73 59.63
N GLY D 40 -17.72 -9.76 59.71
CA GLY D 40 -17.06 -10.18 60.93
C GLY D 40 -17.52 -9.35 62.11
N PHE D 41 -17.40 -8.03 61.99
CA PHE D 41 -17.79 -7.15 63.09
C PHE D 41 -19.25 -7.35 63.47
N GLN D 42 -20.14 -7.59 62.51
CA GLN D 42 -21.55 -7.77 62.86
C GLN D 42 -21.75 -9.10 63.59
N ASP D 43 -21.01 -10.12 63.16
CA ASP D 43 -21.08 -11.41 63.82
C ASP D 43 -20.41 -11.43 65.20
N VAL D 44 -19.32 -10.69 65.36
CA VAL D 44 -18.64 -10.60 66.62
C VAL D 44 -19.46 -9.82 67.65
N GLU D 45 -20.37 -8.96 67.18
CA GLU D 45 -21.17 -8.15 68.09
C GLU D 45 -22.37 -8.96 68.60
N ALA D 46 -22.96 -9.73 67.69
CA ALA D 46 -23.93 -10.75 67.98
C ALA D 46 -23.38 -11.74 69.04
N GLN D 47 -22.14 -12.16 68.87
CA GLN D 47 -21.46 -12.99 69.86
C GLN D 47 -21.22 -12.30 71.21
N ALA D 48 -20.94 -11.02 71.22
CA ALA D 48 -20.76 -10.34 72.49
C ALA D 48 -22.09 -10.26 73.17
N ALA D 49 -23.14 -10.04 72.40
CA ALA D 49 -24.43 -9.91 73.00
C ALA D 49 -24.81 -11.25 73.64
N THR D 50 -24.57 -12.33 72.92
CA THR D 50 -24.95 -13.63 73.41
C THR D 50 -24.15 -14.00 74.62
N ALA D 51 -22.88 -13.57 74.69
CA ALA D 51 -22.05 -13.95 75.78
C ALA D 51 -22.56 -13.22 76.98
N ASN D 52 -22.98 -11.99 76.76
CA ASN D 52 -23.53 -11.18 77.84
C ASN D 52 -24.82 -11.67 78.41
N HIS D 53 -25.67 -12.24 77.58
CA HIS D 53 -26.88 -12.85 78.09
C HIS D 53 -26.48 -14.01 78.95
N THR D 54 -25.56 -14.84 78.47
CA THR D 54 -25.15 -16.03 79.21
C THR D 54 -24.55 -15.63 80.54
N VAL D 55 -23.75 -14.58 80.56
CA VAL D 55 -23.15 -14.22 81.83
C VAL D 55 -24.27 -13.91 82.78
N MSE D 56 -25.22 -13.14 82.32
CA MSE D 56 -26.38 -12.76 83.17
C MSE D 56 -27.21 -13.95 83.57
O MSE D 56 -27.67 -14.03 84.72
CB MSE D 56 -27.26 -11.74 82.45
CG MSE D 56 -26.60 -10.37 82.21
SE MSE D 56 -27.69 -9.11 81.09
CE MSE D 56 -29.36 -9.53 81.95
N ALA D 57 -27.40 -14.91 82.70
CA ALA D 57 -28.19 -16.07 83.12
C ALA D 57 -27.37 -16.87 84.13
N LEU D 58 -26.07 -17.04 83.90
CA LEU D 58 -25.27 -17.76 84.89
C LEU D 58 -25.27 -17.09 86.24
N MSE D 59 -25.31 -15.78 86.30
CA MSE D 59 -25.42 -15.11 87.59
C MSE D 59 -26.79 -15.35 88.21
O MSE D 59 -26.91 -15.54 89.41
CB MSE D 59 -25.20 -13.60 87.44
CG MSE D 59 -23.75 -13.21 87.39
SE MSE D 59 -23.50 -11.36 86.80
CE MSE D 59 -23.21 -10.65 88.59
N ALA D 60 -27.84 -15.34 87.40
CA ALA D 60 -29.16 -15.60 87.99
C ALA D 60 -29.16 -17.02 88.59
N SER D 61 -28.65 -18.00 87.85
CA SER D 61 -28.63 -19.41 88.31
C SER D 61 -27.76 -19.64 89.51
N LEU D 62 -26.66 -18.92 89.62
CA LEU D 62 -25.81 -19.12 90.77
C LEU D 62 -26.57 -18.59 91.99
N ASP D 63 -27.20 -17.44 91.84
CA ASP D 63 -27.97 -16.86 92.95
C ASP D 63 -29.06 -17.81 93.43
N ALA D 64 -29.85 -18.31 92.49
CA ALA D 64 -30.91 -19.27 92.78
C ALA D 64 -30.37 -20.49 93.48
N GLU D 65 -29.26 -21.00 93.00
CA GLU D 65 -28.70 -22.19 93.61
C GLU D 65 -28.24 -21.95 95.03
N LYS D 66 -27.61 -20.82 95.29
CA LYS D 66 -27.13 -20.51 96.66
C LYS D 66 -28.24 -20.31 97.65
N ALA D 67 -29.35 -19.77 97.18
CA ALA D 67 -30.49 -19.49 98.02
C ALA D 67 -31.12 -20.82 98.41
N GLN D 68 -31.52 -21.57 97.41
CA GLN D 68 -32.08 -22.88 97.59
C GLN D 68 -31.23 -23.76 98.53
N GLY D 69 -29.92 -23.78 98.30
CA GLY D 69 -29.04 -24.59 99.08
C GLY D 69 -28.98 -24.15 100.53
N GLN D 70 -28.83 -22.85 100.77
CA GLN D 70 -28.67 -22.35 102.14
C GLN D 70 -29.92 -22.64 102.94
N LYS D 71 -31.07 -22.53 102.30
CA LYS D 71 -32.35 -22.78 102.96
C LYS D 71 -32.50 -24.24 103.38
N LYS D 72 -32.08 -25.14 102.51
CA LYS D 72 -32.16 -26.56 102.82
C LYS D 72 -31.27 -26.91 103.99
N VAL D 73 -30.05 -26.40 103.97
CA VAL D 73 -29.17 -26.63 105.10
C VAL D 73 -29.83 -26.18 106.40
N GLU D 74 -30.40 -24.98 106.40
CA GLU D 74 -30.99 -24.42 107.61
C GLU D 74 -32.09 -25.36 108.10
N GLU D 75 -32.95 -25.78 107.18
CA GLU D 75 -34.04 -26.69 107.53
C GLU D 75 -33.49 -27.95 108.20
N LEU D 76 -32.42 -28.50 107.66
CA LEU D 76 -31.81 -29.70 108.24
C LEU D 76 -31.11 -29.39 109.58
N GLU D 77 -30.34 -28.30 109.65
CA GLU D 77 -29.66 -27.93 110.89
C GLU D 77 -30.64 -27.74 112.04
N GLY D 78 -31.82 -27.20 111.72
CA GLY D 78 -32.89 -27.05 112.71
C GLY D 78 -33.50 -28.38 113.10
N GLU D 79 -33.64 -29.25 112.11
CA GLU D 79 -34.13 -30.59 112.35
C GLU D 79 -33.15 -31.24 113.32
N ILE D 80 -31.86 -31.14 113.01
CA ILE D 80 -30.80 -31.70 113.87
C ILE D 80 -30.89 -31.25 115.33
N THR D 81 -30.94 -29.96 115.56
CA THR D 81 -30.94 -29.44 116.92
C THR D 81 -32.19 -29.93 117.68
N THR D 82 -33.34 -29.93 117.02
CA THR D 82 -34.56 -30.51 117.61
C THR D 82 -34.29 -31.93 118.11
N LEU D 83 -33.72 -32.74 117.22
CA LEU D 83 -33.42 -34.14 117.54
C LEU D 83 -32.37 -34.28 118.62
N ASN D 84 -31.48 -33.30 118.74
CA ASN D 84 -30.55 -33.26 119.85
C ASN D 84 -31.30 -33.07 121.17
N HIS D 85 -32.26 -32.14 121.18
CA HIS D 85 -33.04 -31.81 122.38
C HIS D 85 -33.85 -33.00 122.89
N LYS D 86 -34.55 -33.67 121.97
CA LYS D 86 -35.30 -34.88 122.27
C LYS D 86 -34.40 -36.00 122.78
N LEU D 87 -33.20 -36.11 122.22
CA LEU D 87 -32.26 -37.17 122.63
C LEU D 87 -31.71 -36.96 124.04
N GLN D 88 -31.50 -35.71 124.44
CA GLN D 88 -31.10 -35.44 125.82
C GLN D 88 -32.22 -35.87 126.76
N ASP D 89 -33.42 -35.35 126.52
CA ASP D 89 -34.54 -35.61 127.41
C ASP D 89 -34.74 -37.11 127.64
N ALA D 90 -34.71 -37.88 126.55
CA ALA D 90 -34.81 -39.34 126.64
C ALA D 90 -33.61 -39.99 127.35
N SER D 91 -32.40 -39.52 127.06
CA SER D 91 -31.21 -40.09 127.69
C SER D 91 -31.24 -39.88 129.21
N ALA D 92 -31.60 -38.65 129.62
CA ALA D 92 -31.75 -38.29 131.02
C ALA D 92 -32.84 -39.11 131.70
N GLU D 93 -33.89 -39.43 130.94
CA GLU D 93 -34.96 -40.26 131.44
C GLU D 93 -34.48 -41.68 131.70
N VAL D 94 -33.72 -42.24 130.76
CA VAL D 94 -33.14 -43.59 130.92
C VAL D 94 -32.35 -43.70 132.21
N GLU D 95 -31.40 -42.78 132.41
CA GLU D 95 -30.57 -42.75 133.62
C GLU D 95 -31.39 -42.66 134.90
N ARG D 96 -32.42 -41.82 134.88
CA ARG D 96 -33.32 -41.67 136.03
C ARG D 96 -34.06 -42.96 136.34
N LEU D 97 -34.53 -43.65 135.31
CA LEU D 97 -35.22 -44.92 135.48
C LEU D 97 -34.30 -46.08 135.85
N ARG D 98 -33.00 -45.97 135.56
CA ARG D 98 -32.03 -47.02 135.97
C ARG D 98 -31.68 -46.93 137.47
N ARG D 99 -31.51 -45.71 137.97
CA ARG D 99 -31.28 -45.47 139.41
C ARG D 99 -32.53 -45.83 140.23
N GLU D 100 -33.70 -45.41 139.74
CA GLU D 100 -35.00 -45.73 140.35
C GLU D 100 -35.28 -47.24 140.33
N ASN D 101 -34.79 -47.94 139.31
CA ASN D 101 -34.99 -49.39 139.19
C ASN D 101 -33.98 -50.17 140.02
N GLN D 102 -32.78 -49.63 140.19
CA GLN D 102 -31.78 -50.24 141.08
C GLN D 102 -32.19 -50.08 142.54
N VAL D 103 -32.86 -48.97 142.86
CA VAL D 103 -33.36 -48.71 144.22
C VAL D 103 -34.49 -49.66 144.64
N LEU D 104 -35.44 -49.91 143.73
CA LEU D 104 -36.49 -50.91 143.96
C LEU D 104 -35.91 -52.32 143.93
N SER D 105 -34.83 -52.51 143.17
CA SER D 105 -34.11 -53.79 143.12
C SER D 105 -33.39 -54.12 144.44
N VAL D 106 -33.00 -53.08 145.19
CA VAL D 106 -32.33 -53.27 146.49
C VAL D 106 -33.30 -53.69 147.61
N ARG D 107 -34.54 -53.21 147.54
CA ARG D 107 -35.59 -53.63 148.48
C ARG D 107 -35.93 -55.10 148.29
N ILE D 108 -36.27 -55.43 147.05
CA ILE D 108 -36.81 -56.73 146.70
C ILE D 108 -35.76 -57.84 146.89
N ALA D 109 -34.57 -57.66 146.32
CA ALA D 109 -33.50 -58.68 146.36
C ALA D 109 -32.13 -58.04 146.57
N GLU E 11 12.49 0.77 -57.09
CA GLU E 11 12.23 -0.67 -57.37
C GLU E 11 12.81 -1.55 -56.25
N ALA E 12 14.02 -1.20 -55.84
CA ALA E 12 14.68 -1.80 -54.71
C ALA E 12 14.76 -0.76 -53.58
N ALA E 13 14.95 0.51 -53.96
CA ALA E 13 14.79 1.68 -53.05
C ALA E 13 13.43 1.71 -52.37
N ARG E 14 12.41 1.36 -53.16
CA ARG E 14 11.04 1.32 -52.68
C ARG E 14 10.81 0.15 -51.75
N ASP E 15 11.05 -1.07 -52.25
CA ASP E 15 10.95 -2.29 -51.44
C ASP E 15 11.65 -2.12 -50.08
N GLY E 16 12.82 -1.48 -50.10
CA GLY E 16 13.60 -1.34 -48.89
C GLY E 16 12.93 -0.39 -47.92
N LEU E 17 12.55 0.77 -48.40
CA LEU E 17 11.79 1.72 -47.64
C LEU E 17 10.48 1.12 -47.08
N ARG E 18 9.73 0.42 -47.93
CA ARG E 18 8.52 -0.30 -47.53
C ARG E 18 8.83 -1.15 -46.31
N ALA E 19 9.90 -1.94 -46.40
CA ALA E 19 10.34 -2.82 -45.35
C ALA E 19 10.65 -2.03 -44.06
N VAL E 20 11.34 -0.92 -44.18
CA VAL E 20 11.58 -0.17 -42.98
C VAL E 20 10.26 0.31 -42.37
N MSE E 21 9.30 0.74 -43.19
CA MSE E 21 8.06 1.24 -42.62
C MSE E 21 7.31 0.12 -41.98
O MSE E 21 6.69 0.32 -40.94
CB MSE E 21 7.16 1.94 -43.68
CG MSE E 21 7.82 3.09 -44.46
SE MSE E 21 8.83 4.51 -43.44
CE MSE E 21 7.47 5.89 -43.63
N GLU E 22 7.30 -1.04 -42.63
CA GLU E 22 6.58 -2.21 -42.11
C GLU E 22 7.14 -2.63 -40.81
N ALA E 23 8.46 -2.58 -40.72
CA ALA E 23 9.13 -3.03 -39.54
C ALA E 23 8.60 -2.18 -38.39
N ARG E 24 8.31 -0.95 -38.69
CA ARG E 24 7.84 -0.01 -37.68
C ARG E 24 6.49 -0.44 -37.20
N ASN E 25 5.63 -0.74 -38.19
CA ASN E 25 4.28 -1.15 -37.84
C ASN E 25 4.43 -2.32 -36.90
N VAL E 26 5.38 -3.20 -37.18
CA VAL E 26 5.57 -4.42 -36.40
C VAL E 26 5.99 -4.16 -34.98
N THR E 27 6.92 -3.21 -34.79
CA THR E 27 7.36 -2.87 -33.45
C THR E 27 6.18 -2.40 -32.55
N HIS E 28 5.20 -1.75 -33.14
CA HIS E 28 4.03 -1.31 -32.41
C HIS E 28 3.30 -2.46 -31.76
N LEU E 29 2.97 -3.42 -32.65
CA LEU E 29 2.47 -4.72 -32.30
C LEU E 29 3.27 -5.39 -31.22
N LEU E 30 4.57 -5.37 -31.39
CA LEU E 30 5.44 -5.77 -30.31
C LEU E 30 5.17 -5.08 -28.99
N GLN E 31 5.17 -3.75 -29.01
CA GLN E 31 5.03 -2.93 -27.79
C GLN E 31 3.71 -3.29 -27.15
N GLN E 32 2.70 -3.55 -27.94
CA GLN E 32 1.40 -3.86 -27.44
C GLN E 32 1.39 -5.17 -26.64
N GLU E 33 1.94 -6.22 -27.22
CA GLU E 33 2.11 -7.45 -26.47
C GLU E 33 2.98 -7.25 -25.25
N LEU E 34 3.99 -6.40 -25.33
CA LEU E 34 4.79 -6.12 -24.14
C LEU E 34 3.92 -5.46 -23.10
N THR E 35 2.95 -4.62 -23.53
CA THR E 35 2.08 -3.98 -22.55
C THR E 35 1.31 -5.03 -21.82
N GLU E 36 0.83 -6.01 -22.56
CA GLU E 36 0.02 -7.05 -21.97
C GLU E 36 0.87 -7.95 -21.07
N ALA E 37 2.00 -8.34 -21.54
CA ALA E 37 2.88 -9.09 -20.68
C ALA E 37 3.14 -8.29 -19.37
N GLN E 38 3.28 -6.97 -19.39
CA GLN E 38 3.59 -6.25 -18.12
C GLN E 38 2.37 -6.32 -17.18
N LYS E 39 1.16 -6.11 -17.70
CA LYS E 39 -0.03 -6.16 -16.89
C LYS E 39 -0.06 -7.51 -16.21
N GLY E 40 0.06 -8.60 -17.00
CA GLY E 40 0.01 -9.95 -16.44
C GLY E 40 0.95 -10.20 -15.26
N PHE E 41 2.15 -9.73 -15.35
CA PHE E 41 2.97 -10.01 -14.21
C PHE E 41 2.65 -9.15 -13.00
N GLN E 42 2.20 -7.94 -13.20
CA GLN E 42 1.68 -7.17 -12.09
C GLN E 42 0.41 -7.78 -11.49
N ASP E 43 -0.40 -8.43 -12.28
CA ASP E 43 -1.57 -9.05 -11.70
C ASP E 43 -1.17 -10.27 -10.92
N VAL E 44 -0.14 -10.95 -11.41
CA VAL E 44 0.33 -12.18 -10.82
C VAL E 44 0.95 -11.86 -9.45
N GLU E 45 1.75 -10.83 -9.36
CA GLU E 45 2.34 -10.46 -8.08
C GLU E 45 1.30 -10.04 -7.06
N ALA E 46 0.28 -9.32 -7.49
CA ALA E 46 -0.79 -8.95 -6.63
C ALA E 46 -1.51 -10.22 -6.12
N GLN E 47 -1.79 -11.19 -7.00
CA GLN E 47 -2.51 -12.43 -6.65
C GLN E 47 -1.74 -13.37 -5.72
N ALA E 48 -0.45 -13.49 -5.96
CA ALA E 48 0.49 -14.18 -5.06
C ALA E 48 0.44 -13.52 -3.66
N ALA E 49 0.66 -12.22 -3.62
CA ALA E 49 0.60 -11.49 -2.33
C ALA E 49 -0.72 -11.74 -1.64
N THR E 50 -1.80 -11.84 -2.39
CA THR E 50 -3.11 -12.03 -1.79
C THR E 50 -3.18 -13.45 -1.26
N ALA E 51 -2.69 -14.38 -2.07
CA ALA E 51 -2.78 -15.79 -1.77
C ALA E 51 -1.95 -16.16 -0.56
N ASN E 52 -0.74 -15.62 -0.44
CA ASN E 52 -0.01 -15.78 0.79
C ASN E 52 -0.79 -15.30 2.00
N HIS E 53 -1.47 -14.18 1.85
CA HIS E 53 -2.20 -13.62 2.97
C HIS E 53 -3.33 -14.54 3.33
N THR E 54 -3.92 -15.21 2.35
CA THR E 54 -5.01 -16.11 2.63
C THR E 54 -4.54 -17.35 3.37
N VAL E 55 -3.39 -17.85 2.95
CA VAL E 55 -2.83 -19.00 3.59
C VAL E 55 -2.65 -18.65 5.05
N MSE E 56 -1.98 -17.56 5.29
CA MSE E 56 -1.70 -17.20 6.65
C MSE E 56 -2.98 -16.92 7.44
O MSE E 56 -3.08 -17.32 8.59
CB MSE E 56 -0.81 -16.01 6.65
CG MSE E 56 0.62 -16.34 6.31
SE MSE E 56 1.76 -14.74 6.46
CE MSE E 56 0.89 -13.58 5.13
N ALA E 57 -3.96 -16.28 6.82
CA ALA E 57 -5.24 -16.07 7.51
C ALA E 57 -5.86 -17.39 7.91
N LEU E 58 -5.85 -18.33 6.98
CA LEU E 58 -6.53 -19.62 7.18
C LEU E 58 -5.81 -20.49 8.21
N MSE E 59 -4.50 -20.54 8.12
CA MSE E 59 -3.75 -21.24 9.17
C MSE E 59 -4.09 -20.68 10.54
O MSE E 59 -4.32 -21.44 11.46
CB MSE E 59 -2.25 -21.12 8.95
CG MSE E 59 -1.71 -21.91 7.74
SE MSE E 59 0.19 -21.47 7.29
CE MSE E 59 1.09 -22.67 8.55
N ALA E 60 -4.18 -19.38 10.67
CA ALA E 60 -4.36 -18.76 11.99
C ALA E 60 -5.78 -18.95 12.46
N SER E 61 -6.74 -19.04 11.54
CA SER E 61 -8.11 -19.44 11.93
C SER E 61 -8.21 -20.91 12.31
N LEU E 62 -7.41 -21.78 11.69
CA LEU E 62 -7.44 -23.20 12.07
C LEU E 62 -6.87 -23.33 13.50
N ASP E 63 -5.69 -22.79 13.72
CA ASP E 63 -5.11 -22.85 15.07
C ASP E 63 -6.06 -22.30 16.14
N ALA E 64 -6.78 -21.22 15.83
CA ALA E 64 -7.67 -20.58 16.80
C ALA E 64 -8.90 -21.39 17.00
N GLU E 65 -9.35 -22.09 15.95
CA GLU E 65 -10.49 -22.98 16.07
C GLU E 65 -10.17 -24.24 16.86
N LYS E 66 -8.95 -24.73 16.74
CA LYS E 66 -8.57 -25.92 17.51
C LYS E 66 -8.51 -25.54 18.97
N ALA E 67 -7.75 -24.50 19.27
CA ALA E 67 -7.54 -24.00 20.63
C ALA E 67 -8.83 -23.68 21.34
N GLN E 68 -9.79 -23.12 20.60
CA GLN E 68 -11.08 -22.72 21.12
C GLN E 68 -11.91 -23.93 21.48
N GLY E 69 -11.91 -24.90 20.55
CA GLY E 69 -12.70 -26.08 20.69
C GLY E 69 -12.23 -26.87 21.88
N GLN E 70 -10.92 -27.03 21.99
CA GLN E 70 -10.28 -27.81 23.05
C GLN E 70 -10.49 -27.15 24.40
N LYS E 71 -10.59 -25.82 24.40
CA LYS E 71 -10.83 -25.10 25.63
C LYS E 71 -12.33 -25.08 26.04
N LYS E 72 -13.22 -25.13 25.06
CA LYS E 72 -14.65 -25.21 25.31
C LYS E 72 -14.98 -26.60 25.81
N VAL E 73 -14.36 -27.60 25.21
CA VAL E 73 -14.56 -28.95 25.70
C VAL E 73 -14.08 -29.05 27.15
N GLU E 74 -12.99 -28.36 27.47
CA GLU E 74 -12.48 -28.36 28.84
C GLU E 74 -13.53 -27.79 29.76
N GLU E 75 -13.96 -26.58 29.44
CA GLU E 75 -14.99 -25.89 30.20
C GLU E 75 -16.17 -26.81 30.48
N LEU E 76 -16.80 -27.31 29.42
CA LEU E 76 -18.07 -28.01 29.58
C LEU E 76 -17.93 -29.30 30.35
N GLU E 77 -16.79 -29.96 30.18
CA GLU E 77 -16.52 -31.15 30.94
C GLU E 77 -16.33 -30.80 32.41
N GLY E 78 -15.66 -29.69 32.67
CA GLY E 78 -15.53 -29.20 34.02
C GLY E 78 -16.91 -29.04 34.64
N GLU E 79 -17.80 -28.34 33.95
CA GLU E 79 -19.16 -28.14 34.44
C GLU E 79 -19.90 -29.45 34.66
N ILE E 80 -19.64 -30.44 33.81
CA ILE E 80 -20.33 -31.71 33.95
C ILE E 80 -19.91 -32.38 35.24
N THR E 81 -18.62 -32.64 35.41
CA THR E 81 -18.19 -33.35 36.61
C THR E 81 -18.60 -32.65 37.92
N THR E 82 -18.55 -31.32 37.96
CA THR E 82 -19.10 -30.57 39.07
C THR E 82 -20.52 -31.05 39.33
N LEU E 83 -21.35 -30.97 38.30
CA LEU E 83 -22.74 -31.35 38.43
C LEU E 83 -22.86 -32.78 38.92
N ASN E 84 -22.06 -33.67 38.35
CA ASN E 84 -22.06 -35.07 38.79
C ASN E 84 -21.81 -35.19 40.29
N HIS E 85 -20.87 -34.42 40.82
CA HIS E 85 -20.53 -34.50 42.24
C HIS E 85 -21.69 -33.97 43.10
N LYS E 86 -22.34 -32.92 42.62
CA LYS E 86 -23.49 -32.37 43.30
C LYS E 86 -24.66 -33.35 43.28
N LEU E 87 -24.89 -34.01 42.15
CA LEU E 87 -26.01 -34.93 42.00
C LEU E 87 -25.85 -36.15 42.90
N GLN E 88 -24.66 -36.76 42.84
CA GLN E 88 -24.32 -37.85 43.74
C GLN E 88 -24.64 -37.47 45.20
N ASP E 89 -24.23 -36.27 45.58
CA ASP E 89 -24.41 -35.80 46.96
C ASP E 89 -25.87 -35.60 47.31
N ALA E 90 -26.65 -35.04 46.38
CA ALA E 90 -28.09 -34.86 46.59
C ALA E 90 -28.80 -36.20 46.78
N SER E 91 -28.46 -37.18 45.94
CA SER E 91 -29.04 -38.51 46.00
C SER E 91 -28.67 -39.20 47.29
N ALA E 92 -27.42 -39.04 47.71
CA ALA E 92 -26.94 -39.63 48.97
C ALA E 92 -27.56 -38.94 50.16
N GLU E 93 -27.90 -37.66 50.00
CA GLU E 93 -28.59 -36.92 51.05
C GLU E 93 -30.06 -37.33 51.13
N VAL E 94 -30.73 -37.49 49.98
CA VAL E 94 -32.11 -38.01 49.92
C VAL E 94 -32.20 -39.36 50.61
N GLU E 95 -31.28 -40.25 50.26
CA GLU E 95 -31.29 -41.60 50.80
C GLU E 95 -31.21 -41.56 52.33
N ARG E 96 -30.25 -40.81 52.87
CA ARG E 96 -30.04 -40.78 54.32
C ARG E 96 -31.19 -40.07 55.05
N LEU E 97 -31.78 -39.07 54.39
CA LEU E 97 -32.96 -38.40 54.95
C LEU E 97 -34.18 -39.32 54.89
N ARG E 98 -34.18 -40.24 53.93
CA ARG E 98 -35.26 -41.19 53.78
C ARG E 98 -35.19 -42.29 54.85
N ARG E 99 -33.98 -42.74 55.18
CA ARG E 99 -33.75 -43.67 56.29
C ARG E 99 -34.08 -43.01 57.64
N GLU E 100 -33.56 -41.80 57.83
CA GLU E 100 -33.77 -41.02 59.05
C GLU E 100 -35.25 -40.73 59.31
N ASN E 101 -36.01 -40.61 58.23
CA ASN E 101 -37.45 -40.40 58.32
C ASN E 101 -38.16 -41.66 58.78
N GLN E 102 -37.79 -42.79 58.17
CA GLN E 102 -38.41 -44.08 58.45
C GLN E 102 -38.15 -44.49 59.91
N VAL E 103 -36.97 -44.14 60.42
CA VAL E 103 -36.60 -44.38 61.84
C VAL E 103 -37.51 -43.60 62.80
N LEU E 104 -37.81 -42.35 62.47
CA LEU E 104 -38.63 -41.48 63.33
C LEU E 104 -40.12 -41.76 63.21
N SER E 105 -40.57 -42.23 62.04
CA SER E 105 -41.98 -42.60 61.84
C SER E 105 -42.31 -43.93 62.56
N VAL E 106 -41.35 -44.85 62.61
CA VAL E 106 -41.48 -46.08 63.42
C VAL E 106 -41.59 -45.71 64.90
N ARG E 107 -40.91 -44.62 65.24
CA ARG E 107 -40.88 -44.08 66.62
C ARG E 107 -42.25 -43.54 67.09
N ILE E 108 -43.15 -43.30 66.13
CA ILE E 108 -44.52 -42.81 66.39
C ILE E 108 -45.54 -43.96 66.31
N ALA E 109 -45.56 -44.65 65.16
CA ALA E 109 -46.49 -45.77 64.90
C ALA E 109 -45.93 -47.08 65.47
N GLU F 11 28.16 7.24 -45.88
CA GLU F 11 27.41 8.50 -46.09
C GLU F 11 25.99 8.36 -45.57
N ALA F 12 25.07 7.85 -46.39
CA ALA F 12 23.67 7.83 -45.99
C ALA F 12 23.03 6.53 -46.40
N ALA F 13 23.43 6.04 -47.57
CA ALA F 13 23.25 4.62 -47.89
C ALA F 13 23.87 3.78 -46.78
N ARG F 14 25.09 4.15 -46.34
CA ARG F 14 25.78 3.39 -45.30
C ARG F 14 25.15 3.58 -43.92
N ASP F 15 24.92 4.83 -43.48
CA ASP F 15 24.33 5.04 -42.13
C ASP F 15 22.97 4.43 -41.97
N GLY F 16 22.25 4.27 -43.07
CA GLY F 16 20.93 3.65 -43.02
C GLY F 16 21.09 2.16 -42.95
N LEU F 17 22.10 1.66 -43.67
CA LEU F 17 22.41 0.26 -43.63
C LEU F 17 22.90 -0.04 -42.25
N ARG F 18 23.73 0.84 -41.68
CA ARG F 18 24.33 0.52 -40.41
C ARG F 18 23.20 0.31 -39.44
N ALA F 19 22.15 1.12 -39.59
CA ALA F 19 21.09 1.11 -38.61
C ALA F 19 20.20 -0.11 -38.75
N VAL F 20 19.91 -0.52 -39.98
CA VAL F 20 19.15 -1.75 -40.16
C VAL F 20 19.91 -2.92 -39.61
N MSE F 21 21.25 -2.89 -39.67
CA MSE F 21 22.05 -3.99 -39.13
C MSE F 21 21.91 -4.05 -37.61
O MSE F 21 21.63 -5.10 -37.04
CB MSE F 21 23.52 -3.86 -39.54
CG MSE F 21 23.73 -4.35 -40.98
SE MSE F 21 25.41 -4.00 -41.89
CE MSE F 21 25.01 -5.08 -43.49
N GLU F 22 22.13 -2.91 -36.97
CA GLU F 22 22.06 -2.81 -35.53
C GLU F 22 20.69 -3.29 -35.12
N ALA F 23 19.69 -2.75 -35.77
CA ALA F 23 18.33 -3.10 -35.46
C ALA F 23 18.08 -4.59 -35.49
N ARG F 24 18.69 -5.25 -36.46
CA ARG F 24 18.59 -6.68 -36.55
C ARG F 24 19.20 -7.40 -35.36
N ASN F 25 20.33 -6.86 -34.90
CA ASN F 25 21.05 -7.46 -33.80
C ASN F 25 20.26 -7.42 -32.53
N VAL F 26 19.55 -6.34 -32.37
CA VAL F 26 18.84 -6.07 -31.17
C VAL F 26 17.65 -6.99 -31.04
N THR F 27 17.15 -7.48 -32.16
CA THR F 27 15.94 -8.29 -32.06
C THR F 27 16.33 -9.64 -31.48
N HIS F 28 17.63 -9.89 -31.38
CA HIS F 28 18.19 -11.06 -30.68
C HIS F 28 18.22 -10.95 -29.16
N LEU F 29 18.69 -9.83 -28.65
CA LEU F 29 18.39 -9.39 -27.29
C LEU F 29 16.89 -9.56 -26.97
N LEU F 30 16.04 -9.03 -27.80
CA LEU F 30 14.62 -9.04 -27.47
C LEU F 30 14.19 -10.50 -27.26
N GLN F 31 14.59 -11.35 -28.19
CA GLN F 31 14.08 -12.74 -28.18
C GLN F 31 14.57 -13.47 -26.94
N GLN F 32 15.70 -13.02 -26.41
CA GLN F 32 16.22 -13.49 -25.14
C GLN F 32 15.38 -13.03 -23.93
N GLU F 33 15.12 -11.74 -23.84
CA GLU F 33 14.25 -11.25 -22.78
C GLU F 33 12.92 -11.96 -22.86
N LEU F 34 12.39 -12.19 -24.07
CA LEU F 34 11.11 -12.84 -24.20
C LEU F 34 11.19 -14.24 -23.64
N THR F 35 12.38 -14.82 -23.68
CA THR F 35 12.56 -16.19 -23.17
C THR F 35 12.53 -16.20 -21.67
N GLU F 36 13.32 -15.32 -21.07
CA GLU F 36 13.20 -15.11 -19.62
C GLU F 36 11.75 -14.86 -19.21
N ALA F 37 11.04 -13.97 -19.93
CA ALA F 37 9.67 -13.68 -19.56
C ALA F 37 8.81 -14.93 -19.62
N GLN F 38 8.99 -15.72 -20.67
CA GLN F 38 8.20 -16.96 -20.82
C GLN F 38 8.48 -17.84 -19.62
N LYS F 39 9.73 -17.88 -19.18
CA LYS F 39 10.07 -18.77 -18.08
C LYS F 39 9.38 -18.32 -16.81
N GLY F 40 9.38 -17.00 -16.57
CA GLY F 40 8.69 -16.44 -15.41
C GLY F 40 7.20 -16.78 -15.38
N PHE F 41 6.56 -16.77 -16.51
CA PHE F 41 5.10 -16.98 -16.38
C PHE F 41 4.79 -18.43 -16.07
N GLN F 42 5.51 -19.34 -16.71
CA GLN F 42 5.34 -20.76 -16.45
C GLN F 42 5.62 -21.06 -14.97
N ASP F 43 6.62 -20.39 -14.40
CA ASP F 43 6.92 -20.61 -12.99
C ASP F 43 5.78 -20.08 -12.10
N VAL F 44 5.35 -18.88 -12.41
CA VAL F 44 4.28 -18.26 -11.68
C VAL F 44 3.06 -19.14 -11.60
N GLU F 45 2.73 -19.82 -12.70
CA GLU F 45 1.59 -20.73 -12.72
C GLU F 45 1.79 -21.94 -11.85
N ALA F 46 3.01 -22.48 -11.80
CA ALA F 46 3.26 -23.63 -10.92
C ALA F 46 2.98 -23.23 -9.47
N GLN F 47 3.54 -22.08 -9.08
CA GLN F 47 3.45 -21.60 -7.71
C GLN F 47 2.03 -21.21 -7.29
N ALA F 48 1.21 -20.81 -8.25
CA ALA F 48 -0.17 -20.47 -7.92
C ALA F 48 -0.88 -21.75 -7.61
N ALA F 49 -0.54 -22.81 -8.34
CA ALA F 49 -1.21 -24.05 -8.19
C ALA F 49 -0.89 -24.58 -6.81
N THR F 50 0.38 -24.55 -6.39
CA THR F 50 0.69 -24.90 -5.00
C THR F 50 -0.10 -24.10 -3.97
N ALA F 51 -0.22 -22.81 -4.20
CA ALA F 51 -0.81 -21.94 -3.21
C ALA F 51 -2.34 -22.17 -3.11
N ASN F 52 -2.99 -22.46 -4.22
CA ASN F 52 -4.40 -22.81 -4.17
C ASN F 52 -4.67 -24.18 -3.53
N HIS F 53 -3.76 -25.14 -3.68
CA HIS F 53 -3.98 -26.45 -3.08
C HIS F 53 -4.04 -26.29 -1.57
N THR F 54 -3.06 -25.55 -1.05
CA THR F 54 -2.96 -25.17 0.34
C THR F 54 -4.23 -24.47 0.79
N VAL F 55 -4.61 -23.39 0.14
CA VAL F 55 -5.87 -22.75 0.51
C VAL F 55 -7.00 -23.80 0.63
N MSE F 56 -7.19 -24.62 -0.40
CA MSE F 56 -8.23 -25.67 -0.35
C MSE F 56 -8.04 -26.69 0.79
O MSE F 56 -9.02 -27.08 1.44
CB MSE F 56 -8.26 -26.44 -1.68
CG MSE F 56 -8.70 -25.67 -2.87
SE MSE F 56 -8.56 -26.81 -4.47
CE MSE F 56 -6.80 -26.26 -5.09
N ALA F 57 -6.82 -27.16 1.03
CA ALA F 57 -6.60 -28.04 2.18
C ALA F 57 -6.99 -27.39 3.50
N LEU F 58 -6.66 -26.09 3.63
CA LEU F 58 -6.87 -25.37 4.87
C LEU F 58 -8.32 -25.11 5.11
N MSE F 59 -9.04 -24.76 4.04
CA MSE F 59 -10.48 -24.55 4.17
C MSE F 59 -11.10 -25.83 4.66
O MSE F 59 -11.82 -25.87 5.63
CB MSE F 59 -11.09 -24.12 2.85
CG MSE F 59 -10.77 -22.66 2.51
SE MSE F 59 -11.36 -22.11 0.73
CE MSE F 59 -13.23 -21.71 1.18
N ALA F 60 -10.75 -26.92 4.00
CA ALA F 60 -11.29 -28.24 4.34
C ALA F 60 -11.06 -28.57 5.80
N SER F 61 -9.84 -28.36 6.29
CA SER F 61 -9.59 -28.58 7.70
C SER F 61 -10.44 -27.70 8.64
N LEU F 62 -10.66 -26.44 8.27
CA LEU F 62 -11.36 -25.49 9.15
C LEU F 62 -12.80 -25.94 9.21
N ASP F 63 -13.38 -26.20 8.04
CA ASP F 63 -14.76 -26.66 7.98
C ASP F 63 -14.95 -27.94 8.74
N ALA F 64 -13.99 -28.84 8.61
CA ALA F 64 -14.02 -30.08 9.39
C ALA F 64 -14.03 -29.75 10.84
N GLU F 65 -13.16 -28.82 11.24
CA GLU F 65 -12.95 -28.57 12.65
C GLU F 65 -14.17 -27.86 13.29
N LYS F 66 -14.91 -27.10 12.50
CA LYS F 66 -16.05 -26.37 13.03
C LYS F 66 -17.21 -27.29 13.31
N ALA F 67 -17.65 -27.97 12.25
CA ALA F 67 -18.77 -28.90 12.32
C ALA F 67 -18.63 -29.84 13.49
N GLN F 68 -17.40 -30.24 13.77
CA GLN F 68 -17.11 -31.19 14.84
C GLN F 68 -17.26 -30.54 16.21
N GLY F 69 -16.63 -29.37 16.36
CA GLY F 69 -16.72 -28.62 17.58
C GLY F 69 -18.15 -28.21 17.89
N GLN F 70 -18.91 -27.82 16.85
CA GLN F 70 -20.31 -27.39 17.03
C GLN F 70 -21.14 -28.55 17.53
N LYS F 71 -20.91 -29.73 16.95
CA LYS F 71 -21.66 -30.89 17.32
C LYS F 71 -21.26 -31.34 18.70
N LYS F 72 -19.95 -31.31 18.98
CA LYS F 72 -19.46 -31.69 20.30
C LYS F 72 -19.98 -30.76 21.41
N VAL F 73 -20.07 -29.48 21.12
CA VAL F 73 -20.58 -28.50 22.08
C VAL F 73 -22.07 -28.74 22.34
N GLU F 74 -22.80 -29.11 21.30
CA GLU F 74 -24.20 -29.43 21.39
C GLU F 74 -24.37 -30.57 22.35
N GLU F 75 -23.58 -31.61 22.14
CA GLU F 75 -23.65 -32.79 22.95
C GLU F 75 -23.49 -32.46 24.41
N LEU F 76 -22.36 -31.85 24.75
CA LEU F 76 -22.04 -31.57 26.16
C LEU F 76 -23.06 -30.62 26.82
N GLU F 77 -23.62 -29.70 26.06
CA GLU F 77 -24.66 -28.79 26.57
C GLU F 77 -25.98 -29.51 26.85
N GLY F 78 -26.26 -30.59 26.14
CA GLY F 78 -27.43 -31.42 26.40
C GLY F 78 -27.23 -32.24 27.67
N GLU F 79 -26.02 -32.76 27.84
CA GLU F 79 -25.63 -33.44 29.07
C GLU F 79 -25.73 -32.50 30.26
N ILE F 80 -25.29 -31.25 30.08
CA ILE F 80 -25.31 -30.27 31.16
C ILE F 80 -26.70 -29.89 31.57
N THR F 81 -27.57 -29.62 30.63
CA THR F 81 -28.95 -29.27 31.01
C THR F 81 -29.63 -30.48 31.68
N THR F 82 -29.40 -31.68 31.15
CA THR F 82 -29.95 -32.90 31.74
C THR F 82 -29.56 -33.03 33.18
N LEU F 83 -28.28 -32.85 33.46
CA LEU F 83 -27.81 -32.95 34.83
C LEU F 83 -28.47 -31.89 35.70
N ASN F 84 -28.63 -30.70 35.14
CA ASN F 84 -29.32 -29.62 35.83
C ASN F 84 -30.75 -29.91 36.25
N HIS F 85 -31.53 -30.51 35.35
CA HIS F 85 -32.91 -30.88 35.71
C HIS F 85 -32.93 -31.94 36.80
N LYS F 86 -31.96 -32.86 36.77
CA LYS F 86 -31.89 -33.92 37.79
C LYS F 86 -31.54 -33.34 39.15
N LEU F 87 -30.51 -32.48 39.17
CA LEU F 87 -30.07 -31.80 40.38
C LEU F 87 -31.18 -30.95 41.00
N GLN F 88 -31.96 -30.30 40.16
CA GLN F 88 -33.08 -29.52 40.64
C GLN F 88 -34.06 -30.41 41.38
N ASP F 89 -34.43 -31.52 40.76
CA ASP F 89 -35.41 -32.41 41.37
C ASP F 89 -34.85 -32.95 42.68
N ALA F 90 -33.68 -33.56 42.60
CA ALA F 90 -33.04 -34.16 43.76
C ALA F 90 -32.88 -33.16 44.91
N SER F 91 -32.52 -31.91 44.61
CA SER F 91 -32.41 -30.87 45.65
C SER F 91 -33.76 -30.44 46.22
N ALA F 92 -34.80 -30.46 45.40
CA ALA F 92 -36.16 -30.18 45.87
C ALA F 92 -36.65 -31.34 46.71
N GLU F 93 -36.18 -32.54 46.41
CA GLU F 93 -36.55 -33.72 47.17
C GLU F 93 -35.87 -33.72 48.53
N VAL F 94 -34.59 -33.37 48.56
CA VAL F 94 -33.88 -33.20 49.84
C VAL F 94 -34.62 -32.22 50.74
N GLU F 95 -34.93 -31.06 50.17
CA GLU F 95 -35.54 -30.00 50.95
C GLU F 95 -36.89 -30.41 51.51
N ARG F 96 -37.66 -31.16 50.73
CA ARG F 96 -39.01 -31.52 51.17
C ARG F 96 -38.98 -32.58 52.25
N LEU F 97 -38.01 -33.49 52.16
CA LEU F 97 -37.76 -34.48 53.20
C LEU F 97 -37.18 -33.81 54.47
N ARG F 98 -36.39 -32.75 54.31
CA ARG F 98 -35.81 -32.04 55.45
C ARG F 98 -36.90 -31.35 56.24
N ARG F 99 -37.87 -30.79 55.53
CA ARG F 99 -39.00 -30.17 56.19
C ARG F 99 -39.91 -31.16 56.87
N GLU F 100 -40.21 -32.23 56.17
CA GLU F 100 -41.02 -33.33 56.67
C GLU F 100 -40.39 -33.95 57.92
N ASN F 101 -39.05 -34.02 57.91
CA ASN F 101 -38.29 -34.58 59.01
C ASN F 101 -38.48 -33.75 60.26
N GLN F 102 -38.19 -32.47 60.11
CA GLN F 102 -38.23 -31.51 61.19
C GLN F 102 -39.63 -31.38 61.81
N VAL F 103 -40.67 -31.60 61.00
CA VAL F 103 -42.04 -31.60 61.52
C VAL F 103 -42.32 -32.84 62.39
N LEU F 104 -41.70 -33.96 62.05
CA LEU F 104 -41.86 -35.20 62.82
C LEU F 104 -41.02 -35.19 64.10
N SER F 105 -39.80 -34.68 64.03
CA SER F 105 -38.91 -34.68 65.21
C SER F 105 -39.43 -33.76 66.31
N VAL F 106 -40.13 -32.70 65.91
CA VAL F 106 -40.90 -31.85 66.83
C VAL F 106 -42.04 -32.64 67.47
N ARG F 107 -42.56 -33.61 66.73
CA ARG F 107 -43.61 -34.52 67.21
C ARG F 107 -43.10 -35.53 68.25
N ILE F 108 -41.80 -35.49 68.56
CA ILE F 108 -41.17 -36.37 69.54
C ILE F 108 -40.59 -35.56 70.70
N ALA F 109 -39.68 -34.65 70.38
CA ALA F 109 -39.01 -33.81 71.36
C ALA F 109 -39.88 -32.59 71.68
N GLU G 11 9.44 -13.45 -6.92
CA GLU G 11 10.89 -13.64 -7.24
C GLU G 11 11.04 -14.05 -8.71
N ALA G 12 10.00 -14.72 -9.21
CA ALA G 12 9.91 -15.12 -10.59
C ALA G 12 9.06 -14.11 -11.35
N ALA G 13 8.02 -13.59 -10.69
CA ALA G 13 7.43 -12.35 -11.15
C ALA G 13 8.38 -11.15 -11.11
N ARG G 14 9.41 -11.15 -10.27
CA ARG G 14 10.37 -10.05 -10.31
C ARG G 14 11.06 -10.15 -11.62
N ASP G 15 11.69 -11.32 -11.83
CA ASP G 15 12.58 -11.54 -12.94
C ASP G 15 11.89 -11.30 -14.27
N GLY G 16 10.67 -11.81 -14.40
CA GLY G 16 9.93 -11.68 -15.65
C GLY G 16 9.72 -10.21 -15.95
N LEU G 17 9.20 -9.54 -14.95
CA LEU G 17 8.81 -8.16 -15.10
C LEU G 17 10.03 -7.36 -15.52
N ARG G 18 11.17 -7.57 -14.84
CA ARG G 18 12.38 -6.91 -15.26
C ARG G 18 12.62 -7.23 -16.75
N ALA G 19 12.53 -8.51 -17.09
CA ALA G 19 12.76 -8.93 -18.46
C ALA G 19 11.87 -8.16 -19.43
N VAL G 20 10.61 -7.97 -19.11
CA VAL G 20 9.65 -7.39 -20.05
C VAL G 20 9.97 -5.92 -20.14
N MSE G 21 10.54 -5.39 -19.09
CA MSE G 21 10.83 -3.95 -19.14
C MSE G 21 12.06 -3.70 -19.99
O MSE G 21 12.15 -2.72 -20.75
CB MSE G 21 11.02 -3.45 -17.73
CG MSE G 21 9.76 -3.59 -16.87
SE MSE G 21 8.49 -2.25 -17.14
CE MSE G 21 7.28 -3.30 -18.02
N GLU G 22 13.07 -4.55 -19.83
CA GLU G 22 14.21 -4.42 -20.72
C GLU G 22 13.69 -4.54 -22.15
N ALA G 23 12.74 -5.42 -22.38
CA ALA G 23 12.36 -5.62 -23.73
C ALA G 23 11.68 -4.34 -24.26
N ARG G 24 10.95 -3.64 -23.42
CA ARG G 24 10.36 -2.41 -23.78
C ARG G 24 11.36 -1.35 -24.19
N ASN G 25 12.43 -1.19 -23.40
CA ASN G 25 13.48 -0.21 -23.67
C ASN G 25 14.26 -0.51 -24.89
N VAL G 26 14.37 -1.78 -25.20
CA VAL G 26 15.08 -2.22 -26.38
C VAL G 26 14.18 -1.98 -27.59
N THR G 27 12.88 -2.21 -27.49
CA THR G 27 12.03 -1.92 -28.66
C THR G 27 12.13 -0.47 -28.99
N HIS G 28 12.17 0.36 -27.97
CA HIS G 28 12.32 1.79 -28.16
C HIS G 28 13.63 2.23 -28.80
N LEU G 29 14.76 1.65 -28.40
CA LEU G 29 16.07 1.78 -29.10
C LEU G 29 15.89 1.36 -30.55
N LEU G 30 15.28 0.20 -30.77
CA LEU G 30 14.99 -0.27 -32.12
C LEU G 30 14.18 0.78 -32.90
N GLN G 31 13.14 1.32 -32.31
CA GLN G 31 12.25 2.19 -33.11
C GLN G 31 12.96 3.36 -33.67
N GLN G 32 13.90 3.86 -32.85
CA GLN G 32 14.76 4.92 -33.25
C GLN G 32 15.53 4.59 -34.44
N GLU G 33 16.24 3.47 -34.37
CA GLU G 33 17.05 3.07 -35.50
C GLU G 33 16.10 2.95 -36.68
N LEU G 34 14.85 2.57 -36.50
CA LEU G 34 14.07 2.44 -37.70
C LEU G 34 13.96 3.86 -38.28
N THR G 35 13.92 4.87 -37.44
CA THR G 35 13.91 6.23 -38.01
C THR G 35 15.23 6.65 -38.71
N GLU G 36 16.38 6.21 -38.20
CA GLU G 36 17.61 6.38 -38.97
C GLU G 36 17.56 5.62 -40.27
N ALA G 37 17.10 4.37 -40.24
CA ALA G 37 17.07 3.61 -41.46
C ALA G 37 16.32 4.48 -42.42
N GLN G 38 15.08 4.84 -42.09
CA GLN G 38 14.13 5.44 -43.06
C GLN G 38 14.74 6.71 -43.69
N LYS G 39 15.42 7.48 -42.87
CA LYS G 39 16.03 8.68 -43.37
C LYS G 39 17.09 8.28 -44.41
N GLY G 40 17.72 7.13 -44.16
CA GLY G 40 18.76 6.61 -45.02
C GLY G 40 18.24 6.14 -46.34
N PHE G 41 17.07 5.47 -46.35
CA PHE G 41 16.58 5.00 -47.60
C PHE G 41 16.30 6.21 -48.34
N GLN G 42 15.63 7.15 -47.68
CA GLN G 42 14.92 8.20 -48.43
C GLN G 42 16.01 8.96 -49.19
N ASP G 43 17.11 9.24 -48.50
CA ASP G 43 18.23 9.90 -49.11
C ASP G 43 18.67 9.11 -50.33
N VAL G 44 18.95 7.85 -50.10
CA VAL G 44 19.32 6.94 -51.19
C VAL G 44 18.30 6.95 -52.33
N GLU G 45 17.02 6.94 -52.02
CA GLU G 45 16.07 7.08 -53.11
C GLU G 45 16.35 8.39 -53.83
N ALA G 46 16.36 9.51 -53.09
CA ALA G 46 16.51 10.82 -53.74
C ALA G 46 17.78 10.77 -54.62
N GLN G 47 18.90 10.27 -54.09
CA GLN G 47 20.11 10.24 -54.88
C GLN G 47 19.78 9.54 -56.22
N ALA G 48 19.08 8.41 -56.18
CA ALA G 48 18.83 7.61 -57.39
C ALA G 48 17.86 8.28 -58.37
N ALA G 49 16.79 8.81 -57.83
CA ALA G 49 15.81 9.61 -58.57
C ALA G 49 16.45 10.81 -59.29
N THR G 50 17.37 11.46 -58.61
CA THR G 50 18.10 12.57 -59.17
C THR G 50 18.93 12.07 -60.34
N ALA G 51 19.62 10.97 -60.13
CA ALA G 51 20.48 10.45 -61.18
C ALA G 51 19.61 10.06 -62.38
N ASN G 52 18.47 9.41 -62.14
CA ASN G 52 17.62 8.95 -63.24
C ASN G 52 17.12 10.16 -64.00
N HIS G 53 16.91 11.24 -63.29
CA HIS G 53 16.49 12.47 -63.92
C HIS G 53 17.55 13.01 -64.87
N THR G 54 18.79 13.11 -64.39
CA THR G 54 19.87 13.61 -65.20
C THR G 54 20.09 12.75 -66.44
N VAL G 55 20.02 11.44 -66.27
CA VAL G 55 20.18 10.55 -67.40
C VAL G 55 19.21 11.02 -68.48
N MSE G 56 17.91 10.99 -68.16
CA MSE G 56 16.85 11.46 -69.06
C MSE G 56 17.11 12.86 -69.63
O MSE G 56 16.94 13.07 -70.83
CB MSE G 56 15.51 11.46 -68.35
CG MSE G 56 14.88 10.06 -68.26
SE MSE G 56 13.06 10.06 -67.46
CE MSE G 56 13.56 10.13 -65.56
N ALA G 57 17.50 13.80 -68.80
CA ALA G 57 17.77 15.15 -69.27
C ALA G 57 18.88 15.15 -70.34
N LEU G 58 19.95 14.43 -70.04
CA LEU G 58 21.10 14.33 -70.88
C LEU G 58 20.85 13.54 -72.16
N MSE G 59 20.09 12.45 -72.07
CA MSE G 59 19.66 11.69 -73.25
C MSE G 59 18.91 12.59 -74.21
O MSE G 59 19.18 12.59 -75.40
CB MSE G 59 18.79 10.47 -72.89
CG MSE G 59 19.60 9.22 -72.47
SE MSE G 59 18.60 7.52 -72.18
CE MSE G 59 18.74 6.78 -73.99
N ALA G 60 17.95 13.35 -73.67
CA ALA G 60 17.19 14.32 -74.47
C ALA G 60 18.12 15.34 -75.13
N SER G 61 19.05 15.93 -74.34
CA SER G 61 20.00 16.91 -74.88
C SER G 61 20.83 16.36 -76.02
N LEU G 62 21.16 15.09 -75.92
CA LEU G 62 22.00 14.48 -76.91
C LEU G 62 21.16 14.29 -78.16
N ASP G 63 19.90 13.93 -77.98
CA ASP G 63 18.99 13.86 -79.10
C ASP G 63 18.89 15.18 -79.81
N ALA G 64 18.62 16.24 -79.06
CA ALA G 64 18.40 17.56 -79.66
C ALA G 64 19.66 18.00 -80.36
N GLU G 65 20.80 17.78 -79.74
CA GLU G 65 22.07 18.21 -80.32
C GLU G 65 22.40 17.44 -81.59
N LYS G 66 21.98 16.19 -81.67
CA LYS G 66 22.17 15.43 -82.90
C LYS G 66 21.29 16.02 -83.97
N ALA G 67 20.04 16.26 -83.60
CA ALA G 67 19.04 16.77 -84.54
C ALA G 67 19.42 18.15 -85.08
N GLN G 68 19.85 19.05 -84.20
CA GLN G 68 20.25 20.41 -84.63
C GLN G 68 21.46 20.35 -85.55
N GLY G 69 22.49 19.63 -85.13
CA GLY G 69 23.71 19.52 -85.89
C GLY G 69 23.46 18.91 -87.25
N GLN G 70 22.48 18.01 -87.30
CA GLN G 70 22.15 17.29 -88.51
C GLN G 70 21.45 18.26 -89.46
N LYS G 71 20.47 18.96 -88.94
CA LYS G 71 19.76 19.98 -89.71
C LYS G 71 20.68 21.08 -90.26
N LYS G 72 21.65 21.54 -89.45
CA LYS G 72 22.58 22.61 -89.85
C LYS G 72 23.50 22.11 -90.95
N VAL G 73 23.96 20.88 -90.86
CA VAL G 73 24.79 20.29 -91.91
C VAL G 73 24.07 20.26 -93.26
N GLU G 74 22.81 19.84 -93.24
CA GLU G 74 22.00 19.72 -94.45
C GLU G 74 21.68 21.10 -95.01
N GLU G 75 21.70 22.12 -94.17
CA GLU G 75 21.57 23.48 -94.68
C GLU G 75 22.82 23.77 -95.50
N LEU G 76 23.99 23.65 -94.87
CA LEU G 76 25.24 24.04 -95.51
C LEU G 76 25.48 23.22 -96.77
N GLU G 77 25.20 21.94 -96.72
CA GLU G 77 25.43 21.10 -97.88
C GLU G 77 24.52 21.53 -99.03
N GLY G 78 23.29 21.92 -98.70
CA GLY G 78 22.42 22.55 -99.67
C GLY G 78 23.05 23.80 -100.26
N GLU G 79 23.66 24.65 -99.43
CA GLU G 79 24.31 25.87 -99.92
C GLU G 79 25.48 25.52 -100.84
N ILE G 80 26.31 24.58 -100.41
CA ILE G 80 27.43 24.11 -101.24
C ILE G 80 27.00 23.65 -102.63
N THR G 81 25.98 22.80 -102.71
CA THR G 81 25.50 22.36 -104.01
C THR G 81 25.01 23.52 -104.88
N THR G 82 24.24 24.44 -104.31
CA THR G 82 23.78 25.60 -105.07
C THR G 82 25.00 26.35 -105.61
N LEU G 83 26.00 26.57 -104.76
CA LEU G 83 27.19 27.27 -105.24
C LEU G 83 27.88 26.50 -106.35
N ASN G 84 27.90 25.18 -106.25
CA ASN G 84 28.51 24.38 -107.32
C ASN G 84 27.77 24.52 -108.64
N HIS G 85 26.44 24.48 -108.61
CA HIS G 85 25.70 24.64 -109.86
C HIS G 85 26.06 25.99 -110.49
N LYS G 86 26.16 27.04 -109.67
CA LYS G 86 26.44 28.37 -110.19
C LYS G 86 27.86 28.43 -110.74
N LEU G 87 28.78 27.71 -110.10
CA LEU G 87 30.17 27.65 -110.57
C LEU G 87 30.26 26.89 -111.92
N GLN G 88 29.45 25.84 -112.04
CA GLN G 88 29.36 25.15 -113.31
C GLN G 88 28.99 26.09 -114.45
N ASP G 89 27.92 26.83 -114.26
CA ASP G 89 27.43 27.76 -115.30
C ASP G 89 28.44 28.86 -115.57
N ALA G 90 29.13 29.31 -114.53
CA ALA G 90 30.11 30.38 -114.71
C ALA G 90 31.30 29.82 -115.48
N SER G 91 31.71 28.61 -115.15
CA SER G 91 32.79 27.97 -115.91
C SER G 91 32.38 27.68 -117.33
N ALA G 92 31.15 27.23 -117.54
CA ALA G 92 30.69 26.97 -118.91
C ALA G 92 30.82 28.27 -119.69
N GLU G 93 30.26 29.33 -119.14
CA GLU G 93 30.27 30.61 -119.79
C GLU G 93 31.69 31.06 -120.12
N VAL G 94 32.64 30.79 -119.23
CA VAL G 94 34.03 31.19 -119.46
C VAL G 94 34.58 30.46 -120.66
N GLU G 95 34.38 29.16 -120.69
CA GLU G 95 34.85 28.33 -121.80
C GLU G 95 34.23 28.76 -123.12
N ARG G 96 32.90 28.95 -123.11
CA ARG G 96 32.20 29.46 -124.30
C ARG G 96 32.80 30.76 -124.79
N LEU G 97 33.06 31.66 -123.85
CA LEU G 97 33.70 32.92 -124.19
C LEU G 97 35.13 32.71 -124.65
N ARG G 98 35.85 31.75 -124.06
CA ARG G 98 37.24 31.48 -124.49
C ARG G 98 37.27 31.02 -125.93
N ARG G 99 36.37 30.11 -126.28
CA ARG G 99 36.28 29.63 -127.66
C ARG G 99 35.93 30.77 -128.57
N GLU G 100 34.87 31.47 -128.22
CA GLU G 100 34.42 32.59 -129.02
C GLU G 100 35.48 33.68 -129.10
N ASN G 101 36.38 33.73 -128.11
CA ASN G 101 37.49 34.67 -128.16
C ASN G 101 38.56 34.25 -129.15
N GLN G 102 38.90 32.96 -129.13
CA GLN G 102 39.94 32.46 -130.05
C GLN G 102 39.45 32.45 -131.51
N VAL G 103 38.15 32.25 -131.71
CA VAL G 103 37.54 32.34 -133.03
C VAL G 103 37.68 33.76 -133.56
N LEU G 104 37.29 34.75 -132.77
CA LEU G 104 37.43 36.15 -133.16
C LEU G 104 38.91 36.56 -133.27
N SER G 105 39.75 35.96 -132.44
CA SER G 105 41.17 36.25 -132.43
C SER G 105 41.85 35.87 -133.75
N VAL G 106 41.39 34.78 -134.36
CA VAL G 106 41.94 34.30 -135.62
C VAL G 106 41.58 35.22 -136.78
N ARG G 107 40.29 35.51 -136.93
CA ARG G 107 39.78 36.38 -137.98
C ARG G 107 40.69 37.55 -138.33
N ILE G 108 41.04 38.34 -137.31
CA ILE G 108 41.82 39.56 -137.52
C ILE G 108 43.33 39.29 -137.63
N ALA G 109 43.87 38.45 -136.74
CA ALA G 109 45.30 38.12 -136.74
C ALA G 109 45.54 36.70 -137.26
N GLU H 11 -4.57 -17.53 -14.62
CA GLU H 11 -5.53 -17.00 -15.66
C GLU H 11 -4.98 -15.71 -16.30
N ALA H 12 -4.20 -15.01 -15.48
CA ALA H 12 -3.50 -13.82 -15.82
C ALA H 12 -2.09 -14.22 -16.21
N ALA H 13 -1.49 -15.20 -15.55
CA ALA H 13 -0.37 -15.92 -16.16
C ALA H 13 -0.75 -16.49 -17.54
N ARG H 14 -1.99 -16.88 -17.76
CA ARG H 14 -2.30 -17.43 -19.09
C ARG H 14 -2.18 -16.35 -20.21
N ASP H 15 -3.01 -15.33 -20.11
CA ASP H 15 -2.92 -14.15 -20.97
C ASP H 15 -1.51 -13.66 -21.24
N GLY H 16 -0.72 -13.60 -20.18
CA GLY H 16 0.58 -12.95 -20.23
C GLY H 16 1.55 -13.73 -21.08
N LEU H 17 1.74 -14.96 -20.69
CA LEU H 17 2.56 -15.88 -21.45
C LEU H 17 2.05 -15.94 -22.90
N ARG H 18 0.74 -15.82 -23.14
CA ARG H 18 0.29 -15.80 -24.56
C ARG H 18 0.86 -14.50 -25.23
N ALA H 19 0.68 -13.39 -24.53
CA ALA H 19 1.35 -12.12 -24.87
C ALA H 19 2.81 -12.37 -25.26
N VAL H 20 3.53 -13.07 -24.41
CA VAL H 20 4.95 -13.25 -24.67
C VAL H 20 5.16 -14.14 -25.86
N MSE H 21 4.31 -15.11 -26.07
CA MSE H 21 4.49 -15.87 -27.29
C MSE H 21 4.16 -15.07 -28.55
O MSE H 21 4.83 -15.20 -29.59
CB MSE H 21 3.73 -17.17 -27.19
CG MSE H 21 4.32 -18.03 -26.09
SE MSE H 21 3.49 -19.69 -25.94
CE MSE H 21 4.42 -20.35 -24.33
N GLU H 22 3.16 -14.22 -28.50
CA GLU H 22 2.92 -13.43 -29.71
C GLU H 22 4.14 -12.50 -29.94
N ALA H 23 4.63 -11.90 -28.86
CA ALA H 23 5.78 -11.04 -28.95
C ALA H 23 6.89 -11.73 -29.71
N ARG H 24 7.12 -13.00 -29.41
CA ARG H 24 8.21 -13.72 -30.04
C ARG H 24 8.00 -13.84 -31.53
N ASN H 25 6.77 -14.17 -31.90
CA ASN H 25 6.39 -14.29 -33.26
C ASN H 25 6.48 -12.96 -33.98
N VAL H 26 6.22 -11.88 -33.26
CA VAL H 26 6.29 -10.58 -33.87
C VAL H 26 7.77 -10.28 -34.11
N THR H 27 8.61 -10.63 -33.17
CA THR H 27 10.04 -10.35 -33.31
C THR H 27 10.63 -11.06 -34.49
N HIS H 28 10.07 -12.21 -34.88
CA HIS H 28 10.48 -12.88 -36.11
C HIS H 28 10.09 -12.12 -37.36
N LEU H 29 8.83 -11.70 -37.41
CA LEU H 29 8.35 -10.90 -38.52
C LEU H 29 9.20 -9.67 -38.67
N LEU H 30 9.58 -9.10 -37.54
CA LEU H 30 10.47 -7.98 -37.52
C LEU H 30 11.80 -8.28 -38.16
N GLN H 31 12.40 -9.37 -37.72
CA GLN H 31 13.63 -9.83 -38.31
C GLN H 31 13.57 -9.95 -39.81
N GLN H 32 12.44 -10.49 -40.28
CA GLN H 32 12.28 -10.73 -41.68
C GLN H 32 12.32 -9.38 -42.36
N GLU H 33 11.50 -8.46 -41.88
CA GLU H 33 11.38 -7.19 -42.57
C GLU H 33 12.71 -6.46 -42.54
N LEU H 34 13.44 -6.58 -41.45
CA LEU H 34 14.76 -5.99 -41.42
C LEU H 34 15.74 -6.61 -42.43
N THR H 35 15.63 -7.91 -42.70
CA THR H 35 16.40 -8.57 -43.75
C THR H 35 16.11 -7.96 -45.10
N GLU H 36 14.82 -7.77 -45.39
CA GLU H 36 14.44 -7.20 -46.67
C GLU H 36 14.95 -5.81 -46.76
N ALA H 37 14.92 -5.07 -45.64
CA ALA H 37 15.31 -3.68 -45.71
C ALA H 37 16.74 -3.69 -46.11
N GLN H 38 17.56 -4.54 -45.50
CA GLN H 38 18.99 -4.62 -45.82
C GLN H 38 19.33 -5.02 -47.27
N LYS H 39 18.58 -5.97 -47.82
CA LYS H 39 18.78 -6.33 -49.20
C LYS H 39 18.53 -5.12 -50.10
N GLY H 40 17.52 -4.35 -49.75
CA GLY H 40 17.04 -3.27 -50.61
C GLY H 40 17.94 -2.07 -50.60
N PHE H 41 18.57 -1.78 -49.46
CA PHE H 41 19.54 -0.72 -49.39
C PHE H 41 20.58 -1.07 -50.40
N GLN H 42 21.17 -2.25 -50.24
CA GLN H 42 22.33 -2.66 -51.00
C GLN H 42 22.03 -2.56 -52.49
N ASP H 43 20.83 -3.00 -52.87
CA ASP H 43 20.41 -2.90 -54.25
C ASP H 43 20.31 -1.44 -54.68
N VAL H 44 19.76 -0.60 -53.80
CA VAL H 44 19.61 0.84 -54.04
C VAL H 44 20.95 1.52 -54.16
N GLU H 45 21.91 1.09 -53.35
CA GLU H 45 23.25 1.62 -53.46
C GLU H 45 23.72 1.28 -54.86
N ALA H 46 23.68 0.00 -55.21
CA ALA H 46 24.26 -0.50 -56.49
C ALA H 46 23.71 0.18 -57.73
N GLN H 47 22.44 0.50 -57.70
CA GLN H 47 21.83 1.31 -58.75
C GLN H 47 22.50 2.67 -58.82
N ALA H 48 22.61 3.36 -57.69
CA ALA H 48 23.24 4.68 -57.68
C ALA H 48 24.53 4.63 -58.49
N ALA H 49 25.36 3.61 -58.26
CA ALA H 49 26.65 3.48 -58.93
C ALA H 49 26.51 3.36 -60.44
N THR H 50 25.69 2.41 -60.88
CA THR H 50 25.39 2.22 -62.31
C THR H 50 24.89 3.50 -62.98
N ALA H 51 23.94 4.15 -62.33
CA ALA H 51 23.36 5.38 -62.83
C ALA H 51 24.42 6.49 -62.89
N ASN H 52 25.23 6.66 -61.85
CA ASN H 52 26.21 7.74 -61.92
C ASN H 52 27.17 7.57 -63.11
N HIS H 53 27.47 6.34 -63.48
CA HIS H 53 28.26 6.01 -64.67
C HIS H 53 27.68 6.54 -65.95
N THR H 54 26.41 6.24 -66.11
CA THR H 54 25.66 6.63 -67.29
C THR H 54 25.55 8.14 -67.37
N VAL H 55 25.47 8.80 -66.23
CA VAL H 55 25.54 10.27 -66.23
C VAL H 55 26.91 10.73 -66.76
N MSE H 56 27.98 10.16 -66.23
CA MSE H 56 29.36 10.50 -66.64
C MSE H 56 29.67 10.15 -68.10
O MSE H 56 30.35 10.91 -68.78
CB MSE H 56 30.39 9.81 -65.73
CG MSE H 56 30.61 10.51 -64.39
SE MSE H 56 31.92 9.57 -63.25
CE MSE H 56 30.79 8.09 -62.62
N ALA H 57 29.17 9.01 -68.56
CA ALA H 57 29.21 8.60 -69.96
C ALA H 57 28.43 9.51 -70.87
N LEU H 58 27.27 10.00 -70.42
CA LEU H 58 26.40 10.84 -71.27
C LEU H 58 26.92 12.27 -71.32
N MSE H 59 27.41 12.79 -70.21
CA MSE H 59 28.13 14.07 -70.20
C MSE H 59 29.26 14.11 -71.20
O MSE H 59 29.39 15.05 -71.98
CB MSE H 59 28.68 14.38 -68.81
CG MSE H 59 27.61 14.80 -67.80
SE MSE H 59 28.34 15.29 -66.03
CE MSE H 59 28.85 17.15 -66.38
N ALA H 60 30.07 13.05 -71.22
CA ALA H 60 31.19 12.98 -72.18
C ALA H 60 30.71 12.84 -73.62
N SER H 61 29.63 12.09 -73.87
CA SER H 61 29.13 12.02 -75.23
C SER H 61 28.56 13.36 -75.68
N LEU H 62 27.95 14.10 -74.77
CA LEU H 62 27.38 15.40 -75.16
C LEU H 62 28.47 16.39 -75.49
N ASP H 63 29.55 16.35 -74.72
CA ASP H 63 30.73 17.14 -75.03
C ASP H 63 31.29 16.78 -76.39
N ALA H 64 31.49 15.48 -76.62
CA ALA H 64 32.12 15.01 -77.87
C ALA H 64 31.32 15.42 -79.08
N GLU H 65 30.00 15.40 -78.94
CA GLU H 65 29.08 15.77 -80.01
C GLU H 65 29.04 17.28 -80.29
N LYS H 66 29.18 18.10 -79.25
CA LYS H 66 29.25 19.56 -79.46
C LYS H 66 30.53 19.93 -80.18
N ALA H 67 31.64 19.37 -79.74
CA ALA H 67 32.95 19.62 -80.37
C ALA H 67 32.98 19.16 -81.84
N GLN H 68 32.52 17.93 -82.07
CA GLN H 68 32.43 17.39 -83.43
C GLN H 68 31.56 18.23 -84.37
N GLY H 69 30.37 18.60 -83.89
CA GLY H 69 29.45 19.34 -84.74
C GLY H 69 30.05 20.68 -85.07
N GLN H 70 30.76 21.25 -84.11
CA GLN H 70 31.32 22.58 -84.25
C GLN H 70 32.39 22.55 -85.31
N LYS H 71 33.18 21.49 -85.31
CA LYS H 71 34.25 21.29 -86.29
C LYS H 71 33.71 21.03 -87.70
N LYS H 72 32.62 20.28 -87.81
CA LYS H 72 32.01 20.04 -89.11
C LYS H 72 31.47 21.35 -89.70
N VAL H 73 30.80 22.14 -88.89
CA VAL H 73 30.29 23.41 -89.39
C VAL H 73 31.41 24.28 -89.91
N GLU H 74 32.48 24.37 -89.14
CA GLU H 74 33.64 25.16 -89.52
C GLU H 74 34.21 24.71 -90.85
N GLU H 75 34.18 23.40 -91.08
CA GLU H 75 34.66 22.81 -92.32
C GLU H 75 33.78 23.26 -93.46
N LEU H 76 32.48 23.06 -93.30
CA LEU H 76 31.55 23.34 -94.38
C LEU H 76 31.50 24.82 -94.68
N GLU H 77 31.60 25.64 -93.64
CA GLU H 77 31.69 27.09 -93.81
C GLU H 77 32.95 27.46 -94.58
N GLY H 78 34.06 26.78 -94.30
CA GLY H 78 35.29 26.98 -95.09
C GLY H 78 35.09 26.62 -96.55
N GLU H 79 34.31 25.59 -96.80
CA GLU H 79 34.02 25.19 -98.17
C GLU H 79 33.20 26.26 -98.88
N ILE H 80 32.22 26.82 -98.20
CA ILE H 80 31.36 27.84 -98.82
C ILE H 80 32.11 29.10 -99.22
N THR H 81 33.00 29.60 -98.38
CA THR H 81 33.76 30.79 -98.73
C THR H 81 34.64 30.54 -99.94
N THR H 82 35.26 29.37 -100.01
CA THR H 82 36.12 29.04 -101.14
C THR H 82 35.31 29.08 -102.42
N LEU H 83 34.18 28.36 -102.39
CA LEU H 83 33.27 28.36 -103.55
C LEU H 83 32.81 29.74 -103.90
N ASN H 84 32.60 30.59 -102.89
CA ASN H 84 32.25 31.98 -103.16
C ASN H 84 33.41 32.75 -103.83
N HIS H 85 34.66 32.49 -103.41
CA HIS H 85 35.81 33.13 -104.04
C HIS H 85 35.93 32.71 -105.50
N LYS H 86 35.79 31.41 -105.76
CA LYS H 86 35.83 30.89 -107.12
C LYS H 86 34.74 31.49 -107.99
N LEU H 87 33.56 31.71 -107.40
CA LEU H 87 32.41 32.23 -108.14
C LEU H 87 32.68 33.64 -108.59
N GLN H 88 33.17 34.44 -107.67
CA GLN H 88 33.60 35.80 -107.98
C GLN H 88 34.61 35.82 -109.11
N ASP H 89 35.73 35.12 -108.90
CA ASP H 89 36.80 35.06 -109.89
C ASP H 89 36.30 34.66 -111.28
N ALA H 90 35.37 33.72 -111.34
CA ALA H 90 34.88 33.24 -112.62
C ALA H 90 34.05 34.35 -113.23
N SER H 91 33.14 34.89 -112.46
CA SER H 91 32.33 35.99 -112.94
C SER H 91 33.18 37.19 -113.37
N ALA H 92 34.31 37.41 -112.70
CA ALA H 92 35.25 38.44 -113.14
C ALA H 92 35.78 38.03 -114.50
N GLU H 93 36.20 36.79 -114.59
CA GLU H 93 36.79 36.31 -115.80
C GLU H 93 35.77 36.39 -116.95
N VAL H 94 34.50 36.09 -116.68
CA VAL H 94 33.47 36.17 -117.72
C VAL H 94 33.40 37.57 -118.30
N GLU H 95 33.35 38.56 -117.43
CA GLU H 95 33.20 39.92 -117.88
C GLU H 95 34.45 40.38 -118.61
N ARG H 96 35.62 40.00 -118.10
CA ARG H 96 36.88 40.41 -118.71
C ARG H 96 36.99 39.91 -120.14
N LEU H 97 36.57 38.68 -120.33
CA LEU H 97 36.50 38.12 -121.66
C LEU H 97 35.52 38.90 -122.49
N ARG H 98 34.31 39.08 -121.97
CA ARG H 98 33.25 39.79 -122.72
C ARG H 98 33.72 41.14 -123.27
N ARG H 99 34.38 41.95 -122.45
CA ARG H 99 34.92 43.22 -122.91
C ARG H 99 35.95 42.96 -123.99
N GLU H 100 36.96 42.18 -123.64
CA GLU H 100 38.03 41.83 -124.58
C GLU H 100 37.47 41.21 -125.87
N ASN H 101 36.33 40.56 -125.76
CA ASN H 101 35.65 40.00 -126.92
C ASN H 101 35.06 41.08 -127.84
N GLN H 102 34.37 42.04 -127.23
CA GLN H 102 33.73 43.12 -127.99
C GLN H 102 34.76 44.10 -128.56
N VAL H 103 35.90 44.25 -127.87
CA VAL H 103 36.98 45.06 -128.37
C VAL H 103 37.57 44.40 -129.60
N LEU H 104 37.78 43.10 -129.54
CA LEU H 104 38.26 42.36 -130.71
C LEU H 104 37.21 42.34 -131.80
N SER H 105 35.95 42.22 -131.39
CA SER H 105 34.81 42.24 -132.32
C SER H 105 34.83 43.50 -133.20
N VAL H 106 35.04 44.66 -132.58
CA VAL H 106 35.02 45.96 -133.25
C VAL H 106 36.06 46.08 -134.35
N ARG H 107 37.30 45.77 -134.00
CA ARG H 107 38.40 45.82 -134.94
C ARG H 107 38.00 45.40 -136.35
N ILE H 108 37.65 44.12 -136.49
CA ILE H 108 37.44 43.52 -137.81
C ILE H 108 36.09 43.92 -138.44
N ALA H 109 35.03 43.93 -137.63
CA ALA H 109 33.67 44.28 -138.09
C ALA H 109 33.21 45.61 -137.48
N GLU I 11 10.93 18.31 -32.42
CA GLU I 11 10.95 19.45 -31.44
C GLU I 11 9.73 19.36 -30.53
N ALA I 12 8.60 19.04 -31.13
CA ALA I 12 7.34 18.95 -30.43
C ALA I 12 6.97 17.47 -30.36
N ALA I 13 7.06 16.79 -31.50
CA ALA I 13 6.94 15.35 -31.58
C ALA I 13 7.90 14.70 -30.60
N ARG I 14 9.07 15.28 -30.42
CA ARG I 14 10.04 14.74 -29.47
C ARG I 14 9.69 15.02 -28.02
N ASP I 15 9.18 16.22 -27.72
CA ASP I 15 8.71 16.54 -26.36
C ASP I 15 7.48 15.75 -25.98
N GLY I 16 6.60 15.51 -26.94
CA GLY I 16 5.44 14.70 -26.67
C GLY I 16 5.83 13.31 -26.27
N LEU I 17 6.56 12.63 -27.13
CA LEU I 17 7.11 11.30 -26.83
C LEU I 17 7.83 11.33 -25.48
N ARG I 18 8.62 12.37 -25.26
CA ARG I 18 9.37 12.42 -24.02
C ARG I 18 8.40 12.45 -22.83
N ALA I 19 7.27 13.14 -23.00
CA ALA I 19 6.26 13.23 -21.96
C ALA I 19 5.54 11.91 -21.70
N VAL I 20 5.10 11.29 -22.77
CA VAL I 20 4.51 9.96 -22.68
C VAL I 20 5.43 8.95 -21.98
N MSE I 21 6.67 8.87 -22.40
CA MSE I 21 7.61 7.94 -21.79
C MSE I 21 7.71 8.23 -20.28
O MSE I 21 7.82 7.33 -19.46
CB MSE I 21 8.95 8.08 -22.48
CG MSE I 21 9.20 7.21 -23.72
SE MSE I 21 7.79 6.08 -24.45
CE MSE I 21 8.66 5.80 -26.16
N GLU I 22 7.67 9.49 -19.89
CA GLU I 22 7.68 9.85 -18.45
C GLU I 22 6.33 9.49 -17.80
N ALA I 23 5.25 9.76 -18.51
CA ALA I 23 3.97 9.32 -18.03
C ALA I 23 4.00 7.79 -17.76
N ARG I 24 4.71 7.06 -18.59
CA ARG I 24 4.77 5.61 -18.38
C ARG I 24 5.60 5.25 -17.14
N ASN I 25 6.76 5.90 -17.00
CA ASN I 25 7.64 5.53 -15.93
C ASN I 25 6.80 5.79 -14.68
N VAL I 26 6.03 6.84 -14.69
CA VAL I 26 5.39 7.27 -13.46
C VAL I 26 4.17 6.39 -13.07
N THR I 27 3.48 5.83 -14.05
CA THR I 27 2.45 4.86 -13.72
C THR I 27 3.13 3.67 -13.02
N HIS I 28 4.25 3.25 -13.54
CA HIS I 28 4.98 2.16 -12.92
C HIS I 28 5.32 2.43 -11.42
N LEU I 29 5.69 3.66 -11.09
CA LEU I 29 5.72 4.17 -9.76
C LEU I 29 4.36 4.08 -9.04
N LEU I 30 3.33 4.68 -9.57
CA LEU I 30 2.00 4.37 -9.07
C LEU I 30 1.79 2.85 -8.83
N GLN I 31 2.31 2.02 -9.69
CA GLN I 31 1.96 0.62 -9.53
C GLN I 31 2.62 -0.06 -8.36
N GLN I 32 3.84 0.38 -8.02
CA GLN I 32 4.54 -0.11 -6.84
C GLN I 32 3.83 0.40 -5.62
N GLU I 33 3.58 1.69 -5.56
CA GLU I 33 2.88 2.22 -4.40
C GLU I 33 1.57 1.41 -4.24
N LEU I 34 0.92 1.05 -5.33
CA LEU I 34 -0.32 0.30 -5.13
C LEU I 34 -0.01 -1.01 -4.40
N THR I 35 1.13 -1.58 -4.66
CA THR I 35 1.48 -2.84 -3.99
C THR I 35 1.73 -2.66 -2.52
N GLU I 36 2.54 -1.66 -2.17
CA GLU I 36 2.76 -1.33 -0.79
C GLU I 36 1.40 -1.10 -0.16
N ALA I 37 0.53 -0.39 -0.85
CA ALA I 37 -0.78 -0.07 -0.29
C ALA I 37 -1.50 -1.35 0.01
N GLN I 38 -1.36 -2.29 -0.90
CA GLN I 38 -2.12 -3.54 -0.79
C GLN I 38 -1.60 -4.30 0.40
N LYS I 39 -0.27 -4.37 0.52
CA LYS I 39 0.32 -5.05 1.64
C LYS I 39 -0.16 -4.45 2.95
N GLY I 40 -0.41 -3.14 2.97
CA GLY I 40 -0.71 -2.45 4.25
C GLY I 40 -2.10 -2.82 4.68
N PHE I 41 -3.04 -2.80 3.74
CA PHE I 41 -4.36 -3.30 4.09
C PHE I 41 -4.43 -4.73 4.49
N GLN I 42 -3.53 -5.56 4.00
CA GLN I 42 -3.67 -6.96 4.31
C GLN I 42 -3.09 -7.17 5.72
N ASP I 43 -1.98 -6.49 6.02
CA ASP I 43 -1.42 -6.54 7.35
C ASP I 43 -2.41 -6.04 8.38
N VAL I 44 -3.17 -5.03 8.02
CA VAL I 44 -4.21 -4.52 8.90
C VAL I 44 -5.28 -5.55 9.17
N GLU I 45 -5.81 -6.17 8.14
CA GLU I 45 -6.81 -7.16 8.38
C GLU I 45 -6.22 -8.23 9.26
N ALA I 46 -4.99 -8.62 8.98
CA ALA I 46 -4.39 -9.78 9.66
C ALA I 46 -4.26 -9.47 11.12
N GLN I 47 -3.89 -8.23 11.45
CA GLN I 47 -3.73 -7.83 12.82
C GLN I 47 -5.08 -7.74 13.48
N ALA I 48 -6.10 -7.21 12.78
CA ALA I 48 -7.44 -7.14 13.36
C ALA I 48 -7.86 -8.55 13.72
N ALA I 49 -7.60 -9.44 12.80
CA ALA I 49 -8.14 -10.80 12.83
C ALA I 49 -7.40 -11.54 13.89
N THR I 50 -6.13 -11.15 14.08
CA THR I 50 -5.33 -11.70 15.16
C THR I 50 -5.93 -11.21 16.45
N ALA I 51 -6.18 -9.91 16.50
CA ALA I 51 -6.72 -9.27 17.70
C ALA I 51 -7.99 -9.94 18.11
N ASN I 52 -8.89 -10.20 17.16
CA ASN I 52 -10.10 -10.93 17.48
C ASN I 52 -9.81 -12.32 18.03
N HIS I 53 -8.81 -12.99 17.48
CA HIS I 53 -8.47 -14.33 17.95
C HIS I 53 -8.10 -14.27 19.39
N THR I 54 -7.29 -13.28 19.76
CA THR I 54 -6.83 -13.16 21.12
C THR I 54 -8.00 -12.81 22.06
N VAL I 55 -8.90 -11.91 21.63
CA VAL I 55 -10.10 -11.55 22.41
C VAL I 55 -10.93 -12.79 22.69
N MSE I 56 -11.27 -13.54 21.64
CA MSE I 56 -12.01 -14.81 21.86
C MSE I 56 -11.25 -15.85 22.73
O MSE I 56 -11.84 -16.53 23.55
CB MSE I 56 -12.41 -15.41 20.53
CG MSE I 56 -13.48 -14.57 19.83
SE MSE I 56 -13.86 -15.25 18.05
CE MSE I 56 -12.36 -14.40 17.13
N ALA I 57 -9.93 -15.96 22.56
CA ALA I 57 -9.18 -16.93 23.32
C ALA I 57 -9.17 -16.52 24.77
N LEU I 58 -9.07 -15.22 25.06
CA LEU I 58 -9.13 -14.76 26.43
C LEU I 58 -10.54 -14.89 27.03
N MSE I 59 -11.57 -14.77 26.23
CA MSE I 59 -12.91 -14.93 26.79
C MSE I 59 -13.13 -16.37 27.19
O MSE I 59 -13.65 -16.67 28.25
CB MSE I 59 -13.96 -14.48 25.82
CG MSE I 59 -14.00 -12.98 25.79
SE MSE I 59 -15.16 -12.26 24.46
CE MSE I 59 -16.87 -12.51 25.39
N ALA I 60 -12.72 -17.25 26.30
CA ALA I 60 -12.80 -18.66 26.54
C ALA I 60 -11.94 -19.09 27.75
N SER I 61 -10.80 -18.44 27.98
CA SER I 61 -9.92 -18.83 29.08
C SER I 61 -10.53 -18.38 30.37
N LEU I 62 -11.10 -17.19 30.32
CA LEU I 62 -11.81 -16.64 31.43
C LEU I 62 -12.90 -17.58 31.85
N ASP I 63 -13.83 -17.89 30.96
CA ASP I 63 -14.95 -18.77 31.30
C ASP I 63 -14.46 -20.12 31.84
N ALA I 64 -13.42 -20.66 31.21
CA ALA I 64 -12.86 -21.94 31.63
C ALA I 64 -12.20 -21.85 33.00
N GLU I 65 -11.66 -20.69 33.32
CA GLU I 65 -10.99 -20.50 34.62
C GLU I 65 -12.06 -20.45 35.70
N LYS I 66 -13.13 -19.71 35.44
CA LYS I 66 -14.27 -19.67 36.35
C LYS I 66 -14.81 -21.11 36.53
N ALA I 67 -14.88 -21.87 35.44
CA ALA I 67 -15.31 -23.27 35.50
C ALA I 67 -14.34 -24.20 36.27
N GLN I 68 -13.06 -24.23 35.90
CA GLN I 68 -12.03 -24.99 36.62
C GLN I 68 -12.01 -24.65 38.13
N GLY I 69 -12.11 -23.37 38.46
CA GLY I 69 -12.10 -22.93 39.85
C GLY I 69 -13.33 -23.37 40.61
N GLN I 70 -14.50 -23.28 39.98
CA GLN I 70 -15.75 -23.73 40.59
C GLN I 70 -15.62 -25.20 40.91
N LYS I 71 -15.11 -25.96 39.96
CA LYS I 71 -14.99 -27.40 40.09
C LYS I 71 -13.94 -27.83 41.12
N LYS I 72 -12.84 -27.09 41.16
CA LYS I 72 -11.79 -27.31 42.16
C LYS I 72 -12.35 -26.99 43.54
N VAL I 73 -13.16 -25.94 43.63
CA VAL I 73 -13.81 -25.59 44.91
C VAL I 73 -14.76 -26.68 45.38
N GLU I 74 -15.47 -27.27 44.42
CA GLU I 74 -16.36 -28.40 44.69
C GLU I 74 -15.55 -29.59 45.18
N GLU I 75 -14.60 -30.04 44.37
CA GLU I 75 -13.72 -31.15 44.71
C GLU I 75 -13.22 -31.07 46.16
N LEU I 76 -12.61 -29.93 46.51
CA LEU I 76 -12.02 -29.78 47.84
C LEU I 76 -13.08 -29.73 48.92
N GLU I 77 -14.18 -29.01 48.69
CA GLU I 77 -15.28 -28.99 49.67
C GLU I 77 -15.83 -30.39 49.97
N GLY I 78 -15.81 -31.26 48.96
CA GLY I 78 -16.23 -32.66 49.11
C GLY I 78 -15.26 -33.53 49.89
N GLU I 79 -13.96 -33.24 49.79
CA GLU I 79 -12.93 -33.86 50.65
C GLU I 79 -13.07 -33.32 52.06
N ILE I 80 -13.41 -32.04 52.17
CA ILE I 80 -13.59 -31.44 53.47
C ILE I 80 -14.74 -32.05 54.28
N THR I 81 -15.92 -32.17 53.69
CA THR I 81 -17.08 -32.71 54.42
C THR I 81 -16.96 -34.22 54.66
N THR I 82 -16.32 -34.95 53.74
CA THR I 82 -15.98 -36.36 53.96
C THR I 82 -15.14 -36.56 55.22
N LEU I 83 -14.05 -35.80 55.32
CA LEU I 83 -13.16 -35.82 56.46
C LEU I 83 -13.91 -35.44 57.73
N ASN I 84 -14.79 -34.46 57.67
CA ASN I 84 -15.60 -34.13 58.84
C ASN I 84 -16.41 -35.33 59.35
N HIS I 85 -17.05 -36.04 58.43
CA HIS I 85 -17.89 -37.16 58.81
C HIS I 85 -17.03 -38.27 59.43
N LYS I 86 -15.82 -38.44 58.89
CA LYS I 86 -14.87 -39.41 59.44
C LYS I 86 -14.39 -39.04 60.84
N LEU I 87 -14.05 -37.77 61.03
CA LEU I 87 -13.66 -37.26 62.34
C LEU I 87 -14.77 -37.45 63.37
N GLN I 88 -15.97 -36.98 63.05
CA GLN I 88 -17.16 -37.16 63.91
C GLN I 88 -17.41 -38.62 64.29
N ASP I 89 -17.21 -39.51 63.32
CA ASP I 89 -17.36 -40.94 63.53
C ASP I 89 -16.25 -41.50 64.38
N ALA I 90 -15.02 -41.07 64.09
CA ALA I 90 -13.87 -41.52 64.86
C ALA I 90 -14.00 -41.07 66.31
N SER I 91 -14.60 -39.90 66.52
CA SER I 91 -14.88 -39.40 67.89
C SER I 91 -15.99 -40.18 68.61
N ALA I 92 -17.03 -40.56 67.88
CA ALA I 92 -18.11 -41.38 68.43
C ALA I 92 -17.62 -42.80 68.72
N GLU I 93 -16.66 -43.26 67.92
CA GLU I 93 -16.06 -44.58 68.12
C GLU I 93 -15.15 -44.58 69.34
N VAL I 94 -14.35 -43.53 69.50
CA VAL I 94 -13.55 -43.33 70.71
C VAL I 94 -14.45 -43.42 71.94
N GLU I 95 -15.46 -42.56 71.96
CA GLU I 95 -16.35 -42.44 73.10
C GLU I 95 -17.04 -43.77 73.43
N ARG I 96 -17.45 -44.52 72.42
CA ARG I 96 -18.20 -45.76 72.67
C ARG I 96 -17.29 -46.91 73.10
N LEU I 97 -16.04 -46.89 72.64
CA LEU I 97 -15.03 -47.84 73.12
C LEU I 97 -14.51 -47.47 74.52
N ARG I 98 -14.65 -46.21 74.92
CA ARG I 98 -14.25 -45.77 76.26
C ARG I 98 -15.27 -46.18 77.32
N ARG I 99 -16.56 -46.11 76.95
CA ARG I 99 -17.63 -46.61 77.79
C ARG I 99 -17.52 -48.12 77.94
N GLU I 100 -17.41 -48.80 76.80
CA GLU I 100 -17.38 -50.26 76.75
C GLU I 100 -16.20 -50.81 77.53
N ASN I 101 -15.13 -50.02 77.57
CA ASN I 101 -13.92 -50.33 78.32
C ASN I 101 -14.12 -50.23 79.82
N GLN I 102 -14.77 -49.15 80.23
CA GLN I 102 -15.05 -48.89 81.63
C GLN I 102 -15.96 -49.97 82.20
N VAL I 103 -16.96 -50.36 81.42
CA VAL I 103 -17.88 -51.43 81.80
C VAL I 103 -17.16 -52.74 82.05
N LEU I 104 -16.17 -53.04 81.22
CA LEU I 104 -15.36 -54.27 81.37
C LEU I 104 -14.36 -54.22 82.51
N SER I 105 -13.74 -53.07 82.74
CA SER I 105 -12.75 -52.96 83.82
C SER I 105 -13.47 -52.99 85.18
N VAL I 106 -14.70 -52.45 85.21
CA VAL I 106 -15.60 -52.60 86.36
C VAL I 106 -15.96 -54.08 86.62
N ARG I 107 -16.05 -54.85 85.54
CA ARG I 107 -16.39 -56.27 85.58
C ARG I 107 -15.24 -57.13 86.11
N ILE I 108 -14.08 -56.50 86.32
CA ILE I 108 -12.93 -57.17 86.90
C ILE I 108 -12.71 -56.69 88.34
N ALA I 109 -12.45 -55.39 88.49
CA ALA I 109 -12.22 -54.79 89.80
C ALA I 109 -13.51 -54.72 90.62
N GLU J 11 -5.23 11.31 -38.26
CA GLU J 11 -5.34 9.83 -38.41
C GLU J 11 -4.43 9.17 -37.37
N ALA J 12 -3.22 9.70 -37.23
CA ALA J 12 -2.19 9.11 -36.38
C ALA J 12 -1.80 10.09 -35.28
N ALA J 13 -1.58 11.36 -35.62
CA ALA J 13 -1.79 12.42 -34.65
C ALA J 13 -3.18 12.42 -33.97
N ARG J 14 -4.26 11.99 -34.63
CA ARG J 14 -5.61 12.06 -33.97
C ARG J 14 -5.74 10.90 -32.98
N ASP J 15 -5.45 9.69 -33.46
CA ASP J 15 -5.40 8.49 -32.62
C ASP J 15 -4.59 8.64 -31.39
N GLY J 16 -3.47 9.31 -31.48
CA GLY J 16 -2.70 9.59 -30.31
C GLY J 16 -3.28 10.64 -29.42
N LEU J 17 -3.71 11.73 -30.02
CA LEU J 17 -4.41 12.73 -29.27
C LEU J 17 -5.56 12.08 -28.54
N ARG J 18 -6.27 11.19 -29.21
CA ARG J 18 -7.42 10.63 -28.55
C ARG J 18 -6.94 9.79 -27.41
N ALA J 19 -5.96 8.94 -27.66
CA ALA J 19 -5.32 8.19 -26.56
C ALA J 19 -4.93 9.05 -25.38
N VAL J 20 -4.37 10.23 -25.59
CA VAL J 20 -3.96 11.07 -24.46
C VAL J 20 -5.15 11.65 -23.68
N MSE J 21 -6.23 11.97 -24.39
CA MSE J 21 -7.43 12.48 -23.73
C MSE J 21 -8.05 11.42 -22.84
O MSE J 21 -8.41 11.69 -21.69
CB MSE J 21 -8.45 12.97 -24.76
CG MSE J 21 -8.12 14.35 -25.37
SE MSE J 21 -8.98 14.78 -27.06
CE MSE J 21 -8.37 16.62 -27.39
N GLU J 22 -8.20 10.22 -23.36
CA GLU J 22 -8.73 9.11 -22.58
C GLU J 22 -7.90 8.87 -21.33
N ALA J 23 -6.59 8.81 -21.49
CA ALA J 23 -5.66 8.76 -20.38
C ALA J 23 -6.01 9.76 -19.33
N ARG J 24 -6.26 10.99 -19.74
CA ARG J 24 -6.46 12.04 -18.81
C ARG J 24 -7.72 11.80 -17.97
N ASN J 25 -8.76 11.40 -18.65
CA ASN J 25 -9.95 10.96 -17.98
C ASN J 25 -9.63 9.79 -17.05
N VAL J 26 -8.99 8.77 -17.58
CA VAL J 26 -8.64 7.64 -16.71
C VAL J 26 -7.90 8.05 -15.42
N THR J 27 -6.92 8.92 -15.49
CA THR J 27 -6.18 9.28 -14.27
C THR J 27 -7.06 9.94 -13.21
N HIS J 28 -8.23 10.44 -13.62
CA HIS J 28 -9.18 10.99 -12.65
C HIS J 28 -9.85 9.90 -11.81
N LEU J 29 -10.41 8.91 -12.51
CA LEU J 29 -10.88 7.72 -11.85
C LEU J 29 -9.87 7.28 -10.80
N LEU J 30 -8.61 7.15 -11.24
CA LEU J 30 -7.52 6.72 -10.35
C LEU J 30 -7.53 7.57 -9.12
N GLN J 31 -7.54 8.87 -9.29
CA GLN J 31 -7.52 9.74 -8.13
C GLN J 31 -8.67 9.39 -7.18
N GLN J 32 -9.88 9.21 -7.72
CA GLN J 32 -11.05 8.83 -6.91
C GLN J 32 -10.74 7.61 -6.07
N GLU J 33 -10.38 6.52 -6.71
CA GLU J 33 -10.06 5.29 -5.97
C GLU J 33 -9.01 5.51 -4.92
N LEU J 34 -8.04 6.36 -5.21
CA LEU J 34 -6.99 6.64 -4.25
C LEU J 34 -7.51 7.42 -3.07
N THR J 35 -8.56 8.23 -3.26
CA THR J 35 -9.26 8.85 -2.13
C THR J 35 -9.95 7.80 -1.25
N GLU J 36 -10.69 6.85 -1.87
CA GLU J 36 -11.33 5.79 -1.11
C GLU J 36 -10.27 5.07 -0.30
N ALA J 37 -9.14 4.73 -0.93
CA ALA J 37 -8.13 3.97 -0.24
C ALA J 37 -7.66 4.73 0.98
N GLN J 38 -7.52 6.05 0.86
CA GLN J 38 -7.09 6.87 1.99
C GLN J 38 -8.10 6.85 3.14
N LYS J 39 -9.38 6.99 2.81
CA LYS J 39 -10.47 6.80 3.81
C LYS J 39 -10.33 5.47 4.58
N GLY J 40 -10.15 4.37 3.85
CA GLY J 40 -10.07 3.02 4.45
C GLY J 40 -9.04 2.88 5.54
N PHE J 41 -7.84 3.38 5.30
CA PHE J 41 -6.75 3.26 6.28
C PHE J 41 -7.00 4.11 7.53
N GLN J 42 -7.60 5.27 7.35
CA GLN J 42 -7.74 6.21 8.47
C GLN J 42 -8.76 5.66 9.46
N ASP J 43 -9.80 5.04 8.92
CA ASP J 43 -10.79 4.35 9.74
C ASP J 43 -10.13 3.21 10.57
N VAL J 44 -9.32 2.40 9.91
CA VAL J 44 -8.63 1.27 10.55
C VAL J 44 -7.79 1.60 11.81
N GLU J 45 -6.90 2.59 11.70
CA GLU J 45 -6.06 2.97 12.84
C GLU J 45 -6.93 3.31 14.07
N ALA J 46 -8.11 3.86 13.82
CA ALA J 46 -9.06 4.12 14.89
C ALA J 46 -9.47 2.79 15.52
N GLN J 47 -10.05 1.92 14.68
CA GLN J 47 -10.58 0.61 15.11
C GLN J 47 -9.54 -0.30 15.82
N ALA J 48 -8.26 -0.10 15.60
CA ALA J 48 -7.27 -1.02 16.16
C ALA J 48 -6.98 -0.78 17.65
N ALA J 49 -7.10 0.44 18.14
CA ALA J 49 -6.78 0.69 19.54
C ALA J 49 -7.87 0.09 20.43
N THR J 50 -9.09 -0.03 19.90
CA THR J 50 -10.16 -0.59 20.68
C THR J 50 -9.82 -2.04 21.00
N ALA J 51 -9.55 -2.83 19.97
CA ALA J 51 -9.20 -4.24 20.15
C ALA J 51 -8.11 -4.44 21.20
N ASN J 52 -7.09 -3.60 21.20
CA ASN J 52 -6.03 -3.72 22.21
C ASN J 52 -6.51 -3.46 23.62
N HIS J 53 -7.46 -2.54 23.77
CA HIS J 53 -7.99 -2.16 25.08
C HIS J 53 -8.68 -3.34 25.68
N THR J 54 -9.50 -3.96 24.86
CA THR J 54 -10.22 -5.14 25.25
C THR J 54 -9.21 -6.22 25.63
N VAL J 55 -8.23 -6.48 24.77
CA VAL J 55 -7.30 -7.56 25.07
C VAL J 55 -6.75 -7.32 26.47
N MSE J 56 -6.21 -6.11 26.69
CA MSE J 56 -5.69 -5.72 27.99
C MSE J 56 -6.67 -5.85 29.13
O MSE J 56 -6.31 -6.34 30.19
CB MSE J 56 -5.20 -4.24 27.98
CG MSE J 56 -3.94 -4.05 27.17
SE MSE J 56 -3.45 -2.16 26.97
CE MSE J 56 -4.52 -1.76 25.41
N ALA J 57 -7.89 -5.38 28.94
CA ALA J 57 -8.93 -5.55 29.96
C ALA J 57 -9.08 -7.00 30.30
N LEU J 58 -9.29 -7.81 29.26
CA LEU J 58 -9.57 -9.24 29.48
C LEU J 58 -8.41 -9.87 30.23
N MSE J 59 -7.17 -9.48 29.91
CA MSE J 59 -5.98 -10.08 30.56
C MSE J 59 -5.96 -9.73 32.04
O MSE J 59 -5.73 -10.58 32.89
CB MSE J 59 -4.70 -9.57 29.94
CG MSE J 59 -4.30 -10.23 28.60
SE MSE J 59 -2.89 -9.21 27.65
CE MSE J 59 -1.26 -9.97 28.45
N ALA J 60 -6.17 -8.46 32.33
CA ALA J 60 -6.47 -8.02 33.68
C ALA J 60 -7.54 -8.86 34.39
N SER J 61 -8.70 -9.08 33.77
CA SER J 61 -9.71 -9.94 34.38
C SER J 61 -9.20 -11.35 34.68
N LEU J 62 -8.36 -11.88 33.79
CA LEU J 62 -7.98 -13.28 33.86
C LEU J 62 -6.91 -13.42 34.94
N ASP J 63 -6.01 -12.46 35.05
CA ASP J 63 -5.02 -12.49 36.14
C ASP J 63 -5.75 -12.39 37.48
N ALA J 64 -6.73 -11.49 37.53
CA ALA J 64 -7.53 -11.34 38.73
C ALA J 64 -8.26 -12.64 39.08
N GLU J 65 -8.93 -13.23 38.10
CA GLU J 65 -9.69 -14.47 38.32
C GLU J 65 -8.80 -15.65 38.73
N LYS J 66 -7.52 -15.62 38.36
CA LYS J 66 -6.57 -16.68 38.75
C LYS J 66 -6.01 -16.48 40.15
N ALA J 67 -5.79 -15.23 40.53
CA ALA J 67 -5.36 -14.93 41.89
C ALA J 67 -6.39 -15.46 42.88
N GLN J 68 -7.66 -15.29 42.55
CA GLN J 68 -8.75 -15.65 43.45
C GLN J 68 -8.78 -17.16 43.66
N GLY J 69 -8.74 -17.90 42.57
CA GLY J 69 -8.70 -19.36 42.64
C GLY J 69 -7.52 -19.91 43.44
N GLN J 70 -6.32 -19.41 43.13
CA GLN J 70 -5.09 -19.86 43.78
C GLN J 70 -5.18 -19.65 45.27
N LYS J 71 -5.72 -18.50 45.66
CA LYS J 71 -5.87 -18.18 47.08
C LYS J 71 -6.96 -19.02 47.71
N LYS J 72 -8.08 -19.16 47.01
CA LYS J 72 -9.15 -20.02 47.49
C LYS J 72 -8.63 -21.45 47.65
N VAL J 73 -7.87 -21.93 46.67
CA VAL J 73 -7.31 -23.28 46.75
C VAL J 73 -6.32 -23.38 47.91
N GLU J 74 -5.57 -22.32 48.17
CA GLU J 74 -4.70 -22.23 49.34
C GLU J 74 -5.49 -22.45 50.63
N GLU J 75 -6.55 -21.68 50.78
CA GLU J 75 -7.41 -21.72 51.97
C GLU J 75 -7.98 -23.09 52.30
N LEU J 76 -8.59 -23.72 51.31
CA LEU J 76 -9.24 -25.01 51.51
C LEU J 76 -8.19 -26.09 51.77
N GLU J 77 -7.08 -26.06 51.03
CA GLU J 77 -6.00 -27.02 51.26
C GLU J 77 -5.46 -26.90 52.68
N GLY J 78 -5.51 -25.70 53.25
CA GLY J 78 -5.15 -25.50 54.65
C GLY J 78 -6.16 -26.14 55.60
N GLU J 79 -7.45 -25.93 55.32
CA GLU J 79 -8.51 -26.59 56.10
C GLU J 79 -8.35 -28.10 56.05
N ILE J 80 -8.07 -28.62 54.86
CA ILE J 80 -7.92 -30.06 54.66
C ILE J 80 -6.79 -30.62 55.50
N THR J 81 -5.62 -30.00 55.45
CA THR J 81 -4.48 -30.55 56.19
C THR J 81 -4.70 -30.48 57.70
N THR J 82 -5.38 -29.43 58.18
CA THR J 82 -5.81 -29.31 59.59
C THR J 82 -6.71 -30.47 60.02
N LEU J 83 -7.73 -30.75 59.22
CA LEU J 83 -8.65 -31.84 59.50
C LEU J 83 -7.93 -33.20 59.50
N ASN J 84 -6.96 -33.36 58.62
CA ASN J 84 -6.15 -34.58 58.62
C ASN J 84 -5.39 -34.79 59.93
N HIS J 85 -4.68 -33.77 60.41
CA HIS J 85 -3.94 -33.88 61.67
C HIS J 85 -4.86 -34.13 62.88
N LYS J 86 -6.10 -33.65 62.84
CA LYS J 86 -7.07 -33.88 63.93
C LYS J 86 -7.58 -35.33 63.91
N LEU J 87 -7.81 -35.83 62.71
CA LEU J 87 -8.17 -37.21 62.50
C LEU J 87 -7.03 -38.13 62.94
N GLN J 88 -5.78 -37.71 62.77
CA GLN J 88 -4.62 -38.51 63.24
C GLN J 88 -4.80 -38.87 64.70
N ASP J 89 -4.83 -37.84 65.55
CA ASP J 89 -4.95 -38.02 67.01
C ASP J 89 -6.12 -38.94 67.35
N ALA J 90 -7.27 -38.68 66.73
CA ALA J 90 -8.48 -39.41 66.99
C ALA J 90 -8.38 -40.87 66.55
N SER J 91 -7.66 -41.13 65.46
CA SER J 91 -7.41 -42.51 65.02
C SER J 91 -6.38 -43.22 65.86
N ALA J 92 -5.42 -42.45 66.39
CA ALA J 92 -4.43 -42.99 67.29
C ALA J 92 -5.09 -43.34 68.61
N GLU J 93 -6.17 -42.63 68.93
CA GLU J 93 -6.95 -42.89 70.14
C GLU J 93 -7.86 -44.13 70.02
N VAL J 94 -8.55 -44.24 68.89
CA VAL J 94 -9.42 -45.38 68.61
C VAL J 94 -8.60 -46.65 68.64
N GLU J 95 -7.46 -46.61 67.95
CA GLU J 95 -6.62 -47.78 67.86
C GLU J 95 -6.14 -48.23 69.23
N ARG J 96 -5.77 -47.27 70.09
CA ARG J 96 -5.30 -47.58 71.44
C ARG J 96 -6.42 -48.09 72.36
N LEU J 97 -7.63 -47.54 72.19
CA LEU J 97 -8.80 -48.04 72.94
C LEU J 97 -9.25 -49.42 72.45
N ARG J 98 -9.06 -49.72 71.16
CA ARG J 98 -9.40 -51.02 70.54
C ARG J 98 -8.51 -52.14 71.08
N ARG J 99 -7.21 -51.85 71.16
CA ARG J 99 -6.24 -52.77 71.75
C ARG J 99 -6.63 -53.05 73.19
N GLU J 100 -6.74 -51.97 73.96
CA GLU J 100 -7.13 -52.02 75.36
C GLU J 100 -8.40 -52.83 75.53
N ASN J 101 -9.34 -52.68 74.60
CA ASN J 101 -10.60 -53.41 74.64
C ASN J 101 -10.39 -54.91 74.48
N GLN J 102 -9.64 -55.24 73.44
CA GLN J 102 -9.35 -56.61 73.08
C GLN J 102 -8.63 -57.35 74.19
N VAL J 103 -7.77 -56.65 74.94
CA VAL J 103 -7.10 -57.25 76.07
C VAL J 103 -8.08 -57.56 77.20
N LEU J 104 -9.06 -56.68 77.39
CA LEU J 104 -10.02 -56.85 78.50
C LEU J 104 -11.04 -57.94 78.22
N SER J 105 -11.47 -58.07 76.97
CA SER J 105 -12.51 -59.04 76.60
C SER J 105 -11.94 -60.44 76.52
N VAL J 106 -10.64 -60.54 76.31
CA VAL J 106 -9.92 -61.80 76.51
C VAL J 106 -9.98 -62.20 77.99
N ARG J 107 -10.01 -61.18 78.85
CA ARG J 107 -10.06 -61.32 80.32
C ARG J 107 -11.43 -61.77 80.84
N ILE J 108 -12.39 -61.91 79.93
CA ILE J 108 -13.72 -62.43 80.25
C ILE J 108 -13.96 -63.80 79.58
N ALA J 109 -13.80 -63.88 78.25
CA ALA J 109 -14.03 -65.13 77.51
C ALA J 109 -12.80 -66.04 77.51
N GLU K 11 -14.65 -3.96 7.44
CA GLU K 11 -15.71 -3.21 6.70
C GLU K 11 -15.09 -2.01 5.99
N ALA K 12 -14.12 -1.39 6.66
CA ALA K 12 -13.41 -0.24 6.11
C ALA K 12 -12.10 -0.71 5.47
N ALA K 13 -11.53 -1.78 6.00
CA ALA K 13 -10.45 -2.48 5.31
C ALA K 13 -10.96 -3.23 4.07
N ARG K 14 -12.26 -3.48 3.99
CA ARG K 14 -12.88 -3.99 2.76
C ARG K 14 -12.79 -2.92 1.69
N ASP K 15 -13.41 -1.78 1.97
CA ASP K 15 -13.51 -0.70 1.01
C ASP K 15 -12.11 -0.25 0.56
N GLY K 16 -11.16 -0.18 1.47
CA GLY K 16 -9.82 0.29 1.12
C GLY K 16 -9.12 -0.66 0.16
N LEU K 17 -9.11 -1.91 0.53
CA LEU K 17 -8.61 -2.91 -0.38
C LEU K 17 -9.35 -2.87 -1.75
N ARG K 18 -10.67 -3.00 -1.79
CA ARG K 18 -11.40 -2.99 -3.08
C ARG K 18 -10.90 -1.82 -3.88
N ALA K 19 -10.65 -0.71 -3.18
CA ALA K 19 -10.30 0.54 -3.79
C ALA K 19 -8.96 0.42 -4.49
N VAL K 20 -7.98 -0.11 -3.77
CA VAL K 20 -6.65 -0.33 -4.33
C VAL K 20 -6.70 -1.27 -5.48
N MSE K 21 -7.57 -2.29 -5.43
CA MSE K 21 -7.64 -3.24 -6.54
C MSE K 21 -8.22 -2.61 -7.77
O MSE K 21 -7.86 -2.99 -8.87
CB MSE K 21 -8.43 -4.50 -6.21
CG MSE K 21 -7.93 -5.27 -4.93
SE MSE K 21 -5.99 -5.73 -4.73
CE MSE K 21 -6.13 -7.00 -3.24
N GLU K 22 -9.15 -1.66 -7.57
CA GLU K 22 -9.70 -0.94 -8.72
C GLU K 22 -8.63 -0.03 -9.26
N ALA K 23 -7.91 0.64 -8.35
CA ALA K 23 -6.84 1.53 -8.73
C ALA K 23 -5.89 0.80 -9.70
N ARG K 24 -5.64 -0.46 -9.41
CA ARG K 24 -4.72 -1.22 -10.23
C ARG K 24 -5.30 -1.41 -11.61
N ASN K 25 -6.57 -1.86 -11.67
CA ASN K 25 -7.12 -2.11 -12.99
C ASN K 25 -7.14 -0.84 -13.74
N VAL K 26 -7.31 0.27 -13.05
CA VAL K 26 -7.21 1.56 -13.73
C VAL K 26 -5.80 1.88 -14.31
N THR K 27 -4.76 1.38 -13.67
CA THR K 27 -3.41 1.74 -14.14
C THR K 27 -3.13 0.93 -15.44
N HIS K 28 -3.61 -0.29 -15.46
CA HIS K 28 -3.59 -1.06 -16.71
C HIS K 28 -4.27 -0.28 -17.87
N LEU K 29 -5.42 0.27 -17.64
CA LEU K 29 -6.03 1.10 -18.61
C LEU K 29 -5.15 2.30 -18.98
N LEU K 30 -4.54 2.91 -17.98
CA LEU K 30 -3.59 3.95 -18.22
C LEU K 30 -2.49 3.59 -19.16
N GLN K 31 -1.84 2.49 -18.82
CA GLN K 31 -0.70 1.99 -19.59
C GLN K 31 -1.06 1.70 -21.04
N GLN K 32 -2.26 1.17 -21.21
CA GLN K 32 -2.74 0.86 -22.56
C GLN K 32 -2.77 2.15 -23.39
N GLU K 33 -3.31 3.19 -22.77
CA GLU K 33 -3.49 4.42 -23.51
C GLU K 33 -2.14 5.07 -23.71
N LEU K 34 -1.27 4.98 -22.72
CA LEU K 34 0.14 5.41 -22.91
C LEU K 34 0.81 4.63 -24.05
N THR K 35 0.48 3.34 -24.22
CA THR K 35 1.03 2.57 -25.34
C THR K 35 0.51 3.11 -26.66
N GLU K 36 -0.76 3.42 -26.73
CA GLU K 36 -1.27 4.05 -27.94
C GLU K 36 -0.65 5.44 -28.15
N ALA K 37 -0.39 6.21 -27.09
CA ALA K 37 0.20 7.53 -27.28
C ALA K 37 1.59 7.42 -27.84
N GLN K 38 2.35 6.45 -27.35
CA GLN K 38 3.74 6.27 -27.80
C GLN K 38 3.80 5.86 -29.28
N LYS K 39 2.86 5.02 -29.67
CA LYS K 39 2.79 4.66 -31.05
C LYS K 39 2.51 5.89 -31.89
N GLY K 40 1.72 6.83 -31.38
CA GLY K 40 1.28 7.92 -32.25
C GLY K 40 2.44 8.86 -32.45
N PHE K 41 3.06 9.22 -31.36
CA PHE K 41 4.28 9.98 -31.55
C PHE K 41 5.30 9.40 -32.49
N GLN K 42 5.44 8.11 -32.45
CA GLN K 42 6.36 7.51 -33.38
C GLN K 42 5.86 7.51 -34.78
N ASP K 43 4.56 7.47 -34.97
CA ASP K 43 4.12 7.56 -36.34
C ASP K 43 4.17 9.01 -36.79
N VAL K 44 3.96 9.92 -35.88
CA VAL K 44 3.95 11.31 -36.24
C VAL K 44 5.38 11.75 -36.62
N GLU K 45 6.35 11.23 -35.92
CA GLU K 45 7.73 11.54 -36.25
C GLU K 45 8.19 10.90 -37.57
N ALA K 46 7.67 9.74 -37.88
CA ALA K 46 8.05 9.10 -39.12
C ALA K 46 7.55 9.94 -40.24
N GLN K 47 6.32 10.44 -40.11
CA GLN K 47 5.69 11.29 -41.07
C GLN K 47 6.39 12.61 -41.20
N ALA K 48 6.76 13.20 -40.08
CA ALA K 48 7.58 14.40 -40.10
C ALA K 48 8.84 14.18 -40.93
N ALA K 49 9.36 12.97 -40.88
CA ALA K 49 10.70 12.77 -41.45
C ALA K 49 10.50 12.63 -42.92
N THR K 50 9.40 11.97 -43.31
CA THR K 50 9.12 11.86 -44.74
C THR K 50 8.96 13.27 -45.30
N ALA K 51 8.21 14.10 -44.57
CA ALA K 51 7.85 15.42 -45.04
C ALA K 51 9.12 16.29 -45.16
N ASN K 52 9.89 16.34 -44.12
CA ASN K 52 11.11 17.13 -44.25
C ASN K 52 11.93 16.63 -45.43
N HIS K 53 11.96 15.33 -45.63
CA HIS K 53 12.75 14.82 -46.73
C HIS K 53 12.22 15.28 -48.09
N THR K 54 10.91 15.19 -48.28
CA THR K 54 10.29 15.66 -49.51
C THR K 54 10.56 17.12 -49.83
N VAL K 55 10.48 17.96 -48.81
CA VAL K 55 10.74 19.38 -48.94
C VAL K 55 12.13 19.58 -49.48
N MSE K 56 13.09 18.88 -48.89
CA MSE K 56 14.48 18.93 -49.28
C MSE K 56 14.72 18.43 -50.70
O MSE K 56 15.48 19.02 -51.47
CB MSE K 56 15.31 18.12 -48.25
CG MSE K 56 15.61 18.96 -46.99
SE MSE K 56 16.72 18.17 -45.56
CE MSE K 56 15.55 16.70 -45.00
N ALA K 57 14.08 17.31 -51.05
CA ALA K 57 14.25 16.72 -52.35
C ALA K 57 13.75 17.73 -53.33
N LEU K 58 12.57 18.28 -53.03
CA LEU K 58 11.91 19.20 -53.93
C LEU K 58 12.67 20.47 -54.10
N MSE K 59 13.15 21.05 -52.98
CA MSE K 59 14.03 22.20 -53.10
C MSE K 59 15.21 21.93 -54.05
O MSE K 59 15.47 22.70 -54.96
CB MSE K 59 14.57 22.63 -51.74
CG MSE K 59 13.54 23.37 -50.88
SE MSE K 59 14.26 23.89 -49.12
CE MSE K 59 14.83 25.70 -49.60
N ALA K 60 15.92 20.83 -53.80
CA ALA K 60 17.13 20.51 -54.56
C ALA K 60 16.82 20.25 -56.01
N SER K 61 15.60 19.78 -56.31
CA SER K 61 15.18 19.66 -57.71
C SER K 61 14.90 20.98 -58.36
N LEU K 62 14.36 21.90 -57.58
CA LEU K 62 14.06 23.22 -58.05
C LEU K 62 15.35 23.91 -58.38
N ASP K 63 16.34 23.79 -57.48
CA ASP K 63 17.66 24.33 -57.73
C ASP K 63 18.30 23.85 -59.01
N ALA K 64 18.20 22.55 -59.25
CA ALA K 64 18.89 21.92 -60.38
C ALA K 64 18.17 22.30 -61.65
N GLU K 65 16.87 22.51 -61.55
CA GLU K 65 16.12 22.98 -62.68
C GLU K 65 16.56 24.41 -63.03
N LYS K 66 16.72 25.28 -62.04
CA LYS K 66 17.18 26.66 -62.29
C LYS K 66 18.63 26.70 -62.81
N ALA K 67 19.55 25.99 -62.17
CA ALA K 67 20.94 25.89 -62.67
C ALA K 67 21.02 25.41 -64.14
N GLN K 68 20.25 24.37 -64.48
CA GLN K 68 20.19 23.88 -65.86
C GLN K 68 19.69 24.96 -66.81
N GLY K 69 18.52 25.51 -66.53
CA GLY K 69 17.97 26.60 -67.35
C GLY K 69 18.87 27.82 -67.44
N GLN K 70 19.64 28.08 -66.40
CA GLN K 70 20.46 29.25 -66.32
C GLN K 70 21.61 29.05 -67.26
N LYS K 71 22.11 27.83 -67.29
CA LYS K 71 23.22 27.45 -68.16
C LYS K 71 22.77 27.51 -69.62
N LYS K 72 21.66 26.85 -69.92
CA LYS K 72 21.16 26.79 -71.30
C LYS K 72 20.95 28.19 -71.87
N VAL K 73 20.40 29.10 -71.06
CA VAL K 73 20.20 30.49 -71.48
C VAL K 73 21.52 31.17 -71.82
N GLU K 74 22.52 31.00 -70.96
CA GLU K 74 23.86 31.60 -71.16
C GLU K 74 24.49 31.07 -72.45
N GLU K 75 24.34 29.77 -72.69
CA GLU K 75 24.80 29.17 -73.94
C GLU K 75 24.14 29.89 -75.10
N LEU K 76 22.81 29.93 -75.11
CA LEU K 76 22.10 30.52 -76.24
C LEU K 76 22.47 32.00 -76.45
N GLU K 77 22.63 32.74 -75.35
CA GLU K 77 22.89 34.18 -75.43
C GLU K 77 24.28 34.48 -75.98
N GLY K 78 25.24 33.59 -75.72
CA GLY K 78 26.54 33.65 -76.39
C GLY K 78 26.40 33.43 -77.88
N GLU K 79 25.54 32.48 -78.27
CA GLU K 79 25.28 32.18 -79.68
C GLU K 79 24.71 33.41 -80.39
N ILE K 80 23.84 34.13 -79.70
CA ILE K 80 23.17 35.31 -80.26
C ILE K 80 24.21 36.41 -80.51
N THR K 81 25.12 36.60 -79.56
CA THR K 81 26.16 37.62 -79.72
C THR K 81 27.09 37.30 -80.89
N THR K 82 27.48 36.04 -81.01
CA THR K 82 28.26 35.60 -82.16
C THR K 82 27.55 35.99 -83.45
N LEU K 83 26.30 35.57 -83.61
CA LEU K 83 25.52 35.91 -84.81
C LEU K 83 25.37 37.41 -85.06
N ASN K 84 25.39 38.21 -84.00
CA ASN K 84 25.31 39.66 -84.19
C ASN K 84 26.67 40.22 -84.66
N HIS K 85 27.76 39.72 -84.09
CA HIS K 85 29.09 40.09 -84.57
C HIS K 85 29.24 39.73 -86.06
N LYS K 86 28.75 38.57 -86.46
CA LYS K 86 28.78 38.15 -87.87
C LYS K 86 27.87 39.01 -88.72
N LEU K 87 26.71 39.39 -88.19
CA LEU K 87 25.72 40.18 -88.96
C LEU K 87 26.19 41.61 -89.19
N GLN K 88 26.82 42.19 -88.20
CA GLN K 88 27.47 43.48 -88.37
C GLN K 88 28.44 43.47 -89.52
N ASP K 89 29.45 42.60 -89.43
CA ASP K 89 30.47 42.45 -90.45
C ASP K 89 29.86 42.43 -91.84
N ALA K 90 28.81 41.61 -92.01
CA ALA K 90 28.17 41.46 -93.30
C ALA K 90 27.58 42.79 -93.74
N SER K 91 26.96 43.51 -92.81
CA SER K 91 26.40 44.81 -93.11
C SER K 91 27.49 45.86 -93.40
N ALA K 92 28.57 45.84 -92.63
CA ALA K 92 29.72 46.71 -92.89
C ALA K 92 30.21 46.49 -94.32
N GLU K 93 30.33 45.22 -94.69
CA GLU K 93 30.79 44.83 -96.03
C GLU K 93 29.82 45.26 -97.13
N VAL K 94 28.52 45.13 -96.89
CA VAL K 94 27.50 45.66 -97.82
C VAL K 94 27.68 47.16 -98.04
N GLU K 95 27.84 47.91 -96.96
CA GLU K 95 27.98 49.36 -97.09
C GLU K 95 29.26 49.78 -97.80
N ARG K 96 30.37 49.15 -97.43
CA ARG K 96 31.67 49.40 -98.07
C ARG K 96 31.55 49.22 -99.56
N LEU K 97 30.98 48.08 -99.95
CA LEU K 97 30.78 47.76 -101.33
C LEU K 97 29.85 48.76 -102.00
N ARG K 98 28.79 49.18 -101.33
CA ARG K 98 27.92 50.22 -101.91
C ARG K 98 28.71 51.49 -102.22
N ARG K 99 29.53 51.95 -101.27
CA ARG K 99 30.33 53.17 -101.47
C ARG K 99 31.33 53.01 -102.60
N GLU K 100 32.05 51.91 -102.56
CA GLU K 100 33.00 51.58 -103.59
C GLU K 100 32.28 51.31 -104.93
N ASN K 101 31.00 50.93 -104.86
CA ASN K 101 30.17 50.78 -106.05
C ASN K 101 29.84 52.14 -106.67
N GLN K 102 29.42 53.09 -105.83
CA GLN K 102 29.07 54.42 -106.31
C GLN K 102 30.31 55.22 -106.76
N VAL K 103 31.44 55.04 -106.08
CA VAL K 103 32.69 55.69 -106.50
C VAL K 103 33.13 55.23 -107.88
N LEU K 104 33.04 53.93 -108.14
CA LEU K 104 33.33 53.39 -109.47
C LEU K 104 32.21 53.72 -110.45
N SER K 105 30.99 53.90 -109.95
CA SER K 105 29.84 54.30 -110.77
C SER K 105 29.99 55.70 -111.37
N VAL K 106 30.59 56.61 -110.61
CA VAL K 106 30.78 58.00 -111.05
C VAL K 106 31.85 58.13 -112.14
N ARG K 107 32.99 57.48 -111.94
CA ARG K 107 34.11 57.52 -112.91
C ARG K 107 33.68 57.50 -114.37
N ILE K 108 33.08 56.38 -114.77
CA ILE K 108 32.75 56.13 -116.18
C ILE K 108 31.53 56.98 -116.63
N ALA K 109 30.46 56.97 -115.83
CA ALA K 109 29.24 57.71 -116.13
C ALA K 109 29.21 59.05 -115.41
N GLU L 11 1.22 0.97 11.99
CA GLU L 11 2.63 0.70 11.61
C GLU L 11 2.69 0.06 10.22
N ALA L 12 1.67 -0.74 9.90
CA ALA L 12 1.46 -1.25 8.56
C ALA L 12 0.36 -0.41 7.92
N ALA L 13 -0.65 -0.06 8.70
CA ALA L 13 -1.59 1.00 8.31
C ALA L 13 -0.85 2.29 7.87
N ARG L 14 0.24 2.61 8.55
CA ARG L 14 1.07 3.77 8.18
C ARG L 14 1.72 3.60 6.80
N ASP L 15 2.49 2.53 6.65
CA ASP L 15 3.20 2.30 5.39
C ASP L 15 2.20 2.18 4.22
N GLY L 16 0.96 1.83 4.55
CA GLY L 16 -0.02 1.62 3.51
C GLY L 16 -0.51 2.97 3.13
N LEU L 17 -0.89 3.73 4.14
CA LEU L 17 -1.34 5.12 3.98
C LEU L 17 -0.29 6.04 3.36
N ARG L 18 0.96 5.91 3.76
CA ARG L 18 2.01 6.72 3.10
C ARG L 18 2.07 6.33 1.60
N ALA L 19 2.10 5.04 1.30
CA ALA L 19 2.04 4.57 -0.11
C ALA L 19 0.87 5.16 -0.85
N VAL L 20 -0.31 5.12 -0.26
CA VAL L 20 -1.45 5.79 -0.90
C VAL L 20 -1.31 7.31 -1.09
N MSE L 21 -0.56 7.98 -0.21
CA MSE L 21 -0.41 9.44 -0.30
C MSE L 21 0.57 9.77 -1.42
O MSE L 21 0.34 10.68 -2.21
CB MSE L 21 0.06 10.06 1.04
CG MSE L 21 -1.04 10.17 2.12
SE MSE L 21 -0.59 10.58 4.02
CE MSE L 21 -2.46 10.53 4.63
N GLU L 22 1.67 9.03 -1.48
CA GLU L 22 2.60 9.18 -2.60
C GLU L 22 1.85 8.95 -3.87
N ALA L 23 1.02 7.90 -3.91
CA ALA L 23 0.31 7.57 -5.14
C ALA L 23 -0.40 8.80 -5.64
N ARG L 24 -0.99 9.54 -4.72
CA ARG L 24 -1.88 10.61 -5.12
C ARG L 24 -1.12 11.79 -5.69
N ASN L 25 0.01 12.04 -5.08
CA ASN L 25 0.89 13.07 -5.54
C ASN L 25 1.35 12.65 -6.90
N VAL L 26 1.85 11.45 -6.99
CA VAL L 26 2.27 11.02 -8.31
C VAL L 26 1.20 11.25 -9.39
N THR L 27 -0.08 11.06 -9.09
CA THR L 27 -1.06 11.18 -10.20
C THR L 27 -1.17 12.64 -10.68
N HIS L 28 -0.78 13.58 -9.85
CA HIS L 28 -0.67 14.97 -10.26
C HIS L 28 0.44 15.20 -11.29
N LEU L 29 1.65 14.70 -11.05
CA LEU L 29 2.70 14.72 -12.09
C LEU L 29 2.15 14.04 -13.40
N LEU L 30 1.57 12.88 -13.28
CA LEU L 30 1.00 12.25 -14.49
C LEU L 30 0.09 13.20 -15.27
N GLN L 31 -0.78 13.88 -14.55
CA GLN L 31 -1.72 14.80 -15.17
C GLN L 31 -1.01 15.87 -15.96
N GLN L 32 0.12 16.31 -15.40
CA GLN L 32 0.90 17.33 -16.05
C GLN L 32 1.63 16.86 -17.28
N GLU L 33 2.25 15.70 -17.20
CA GLU L 33 2.92 15.15 -18.36
C GLU L 33 1.82 14.83 -19.43
N LEU L 34 0.63 14.47 -19.01
CA LEU L 34 -0.38 14.20 -20.06
C LEU L 34 -0.76 15.48 -20.81
N THR L 35 -0.76 16.60 -20.09
CA THR L 35 -0.99 17.91 -20.69
C THR L 35 0.11 18.23 -21.66
N GLU L 36 1.36 17.98 -21.34
CA GLU L 36 2.44 18.31 -22.28
C GLU L 36 2.22 17.46 -23.50
N ALA L 37 1.99 16.20 -23.25
CA ALA L 37 1.80 15.28 -24.32
C ALA L 37 0.71 15.73 -25.27
N GLN L 38 -0.39 16.27 -24.72
CA GLN L 38 -1.52 16.69 -25.55
C GLN L 38 -1.20 17.91 -26.42
N LYS L 39 -0.47 18.85 -25.83
CA LYS L 39 0.01 20.04 -26.52
C LYS L 39 0.92 19.61 -27.68
N GLY L 40 1.83 18.70 -27.38
CA GLY L 40 2.77 18.25 -28.38
C GLY L 40 2.03 17.71 -29.59
N PHE L 41 1.10 16.83 -29.36
CA PHE L 41 0.34 16.32 -30.52
C PHE L 41 -0.34 17.42 -31.35
N GLN L 42 -1.02 18.36 -30.70
CA GLN L 42 -1.55 19.56 -31.38
C GLN L 42 -0.44 20.36 -32.10
N ASP L 43 0.73 20.56 -31.51
CA ASP L 43 1.79 21.28 -32.25
C ASP L 43 2.28 20.51 -33.49
N VAL L 44 2.57 19.23 -33.31
CA VAL L 44 2.81 18.29 -34.41
C VAL L 44 1.74 18.38 -35.52
N GLU L 45 0.51 18.59 -35.14
CA GLU L 45 -0.53 18.58 -36.19
C GLU L 45 -0.42 19.82 -37.01
N ALA L 46 -0.13 20.93 -36.33
CA ALA L 46 -0.07 22.24 -36.96
C ALA L 46 1.08 22.25 -37.94
N GLN L 47 2.22 21.76 -37.46
CA GLN L 47 3.42 21.56 -38.26
C GLN L 47 3.29 20.65 -39.46
N ALA L 48 2.56 19.54 -39.37
CA ALA L 48 2.33 18.73 -40.57
C ALA L 48 1.67 19.57 -41.61
N ALA L 49 0.77 20.46 -41.16
CA ALA L 49 -0.06 21.22 -42.09
C ALA L 49 0.81 22.24 -42.81
N THR L 50 1.73 22.85 -42.10
CA THR L 50 2.68 23.75 -42.72
C THR L 50 3.60 23.05 -43.69
N ALA L 51 3.93 21.81 -43.37
CA ALA L 51 4.81 20.98 -44.15
C ALA L 51 4.12 20.59 -45.42
N ASN L 52 2.87 20.15 -45.34
CA ASN L 52 2.16 19.87 -46.59
C ASN L 52 1.99 21.10 -47.47
N HIS L 53 1.87 22.27 -46.85
CA HIS L 53 1.79 23.51 -47.63
C HIS L 53 2.98 23.82 -48.46
N THR L 54 4.13 23.49 -47.90
CA THR L 54 5.41 23.78 -48.50
C THR L 54 5.69 22.79 -49.56
N VAL L 55 5.31 21.55 -49.33
CA VAL L 55 5.36 20.59 -50.42
C VAL L 55 4.53 21.12 -51.59
N MSE L 56 3.28 21.45 -51.35
CA MSE L 56 2.43 21.94 -52.42
C MSE L 56 3.02 23.15 -53.17
O MSE L 56 3.01 23.21 -54.40
CB MSE L 56 1.08 22.31 -51.85
CG MSE L 56 0.15 21.09 -51.61
SE MSE L 56 -1.54 21.56 -50.71
CE MSE L 56 -0.93 21.27 -48.88
N ALA L 57 3.51 24.14 -52.41
CA ALA L 57 4.08 25.35 -53.03
C ALA L 57 5.26 24.96 -53.91
N LEU L 58 6.08 24.07 -53.36
CA LEU L 58 7.33 23.76 -54.00
C LEU L 58 7.07 22.94 -55.24
N MSE L 59 6.02 22.11 -55.21
CA MSE L 59 5.69 21.32 -56.40
C MSE L 59 5.31 22.28 -57.45
O MSE L 59 5.80 22.19 -58.56
CB MSE L 59 4.54 20.37 -56.16
CG MSE L 59 4.95 19.08 -55.42
SE MSE L 59 3.46 17.96 -54.79
CE MSE L 59 3.07 17.06 -56.50
N ALA L 60 4.44 23.20 -57.06
CA ALA L 60 3.86 24.19 -57.96
C ALA L 60 4.91 25.10 -58.55
N SER L 61 5.99 25.38 -57.81
CA SER L 61 7.07 26.24 -58.30
C SER L 61 7.97 25.50 -59.25
N LEU L 62 8.14 24.22 -59.00
CA LEU L 62 8.96 23.42 -59.85
C LEU L 62 8.36 23.43 -61.24
N ASP L 63 7.03 23.28 -61.30
CA ASP L 63 6.28 23.22 -62.57
C ASP L 63 6.36 24.49 -63.33
N ALA L 64 6.15 25.59 -62.61
CA ALA L 64 6.26 26.91 -63.21
C ALA L 64 7.65 27.13 -63.74
N GLU L 65 8.66 26.64 -63.04
CA GLU L 65 10.05 26.82 -63.47
C GLU L 65 10.32 26.03 -64.76
N LYS L 66 9.86 24.78 -64.80
CA LYS L 66 9.95 24.01 -66.02
C LYS L 66 9.26 24.76 -67.18
N ALA L 67 8.02 25.21 -66.98
CA ALA L 67 7.29 25.93 -68.03
C ALA L 67 7.96 27.24 -68.45
N GLN L 68 8.38 28.03 -67.48
CA GLN L 68 9.11 29.26 -67.73
C GLN L 68 10.36 29.00 -68.60
N GLY L 69 11.24 28.12 -68.15
CA GLY L 69 12.50 27.85 -68.84
C GLY L 69 12.27 27.43 -70.28
N GLN L 70 11.21 26.66 -70.49
CA GLN L 70 10.89 26.09 -71.79
C GLN L 70 10.47 27.23 -72.68
N LYS L 71 9.75 28.16 -72.10
CA LYS L 71 9.34 29.35 -72.81
C LYS L 71 10.53 30.26 -73.12
N LYS L 72 11.44 30.44 -72.17
CA LYS L 72 12.58 31.32 -72.43
C LYS L 72 13.43 30.77 -73.59
N VAL L 73 13.72 29.48 -73.56
CA VAL L 73 14.47 28.82 -74.65
C VAL L 73 13.84 29.07 -76.01
N GLU L 74 12.56 28.76 -76.09
CA GLU L 74 11.77 28.92 -77.31
C GLU L 74 11.86 30.33 -77.88
N GLU L 75 11.90 31.31 -76.97
CA GLU L 75 12.11 32.71 -77.34
C GLU L 75 13.48 32.85 -78.00
N LEU L 76 14.51 32.37 -77.30
CA LEU L 76 15.88 32.58 -77.73
C LEU L 76 16.16 31.85 -79.03
N GLU L 77 15.59 30.65 -79.17
CA GLU L 77 15.74 29.90 -80.42
C GLU L 77 15.04 30.64 -81.57
N GLY L 78 13.95 31.35 -81.28
CA GLY L 78 13.29 32.20 -82.26
C GLY L 78 14.18 33.35 -82.68
N GLU L 79 14.88 33.95 -81.72
CA GLU L 79 15.88 34.98 -82.02
C GLU L 79 16.98 34.42 -82.91
N ILE L 80 17.46 33.22 -82.59
CA ILE L 80 18.57 32.64 -83.35
C ILE L 80 18.22 32.35 -84.80
N THR L 81 17.02 31.87 -85.09
CA THR L 81 16.64 31.65 -86.49
C THR L 81 16.46 32.97 -87.24
N THR L 82 15.89 33.97 -86.60
CA THR L 82 15.80 35.30 -87.22
C THR L 82 17.16 35.78 -87.63
N LEU L 83 18.08 35.88 -86.68
CA LEU L 83 19.45 36.33 -86.96
C LEU L 83 20.08 35.55 -88.11
N ASN L 84 19.79 34.26 -88.19
CA ASN L 84 20.29 33.44 -89.29
C ASN L 84 19.70 33.80 -90.65
N HIS L 85 18.40 34.15 -90.70
CA HIS L 85 17.76 34.59 -91.94
C HIS L 85 18.32 35.94 -92.38
N LYS L 86 18.58 36.82 -91.43
CA LYS L 86 19.18 38.11 -91.71
C LYS L 86 20.63 37.92 -92.14
N LEU L 87 21.29 36.94 -91.55
CA LEU L 87 22.68 36.66 -91.93
C LEU L 87 22.72 36.17 -93.39
N GLN L 88 21.69 35.41 -93.79
CA GLN L 88 21.55 34.96 -95.17
C GLN L 88 21.38 36.10 -96.16
N ASP L 89 20.44 37.01 -95.87
CA ASP L 89 20.12 38.10 -96.81
C ASP L 89 21.28 39.06 -96.97
N ALA L 90 21.94 39.40 -95.86
CA ALA L 90 23.11 40.26 -95.95
C ALA L 90 24.21 39.58 -96.77
N SER L 91 24.46 38.30 -96.52
CA SER L 91 25.51 37.57 -97.23
C SER L 91 25.23 37.30 -98.71
N ALA L 92 23.95 37.27 -99.09
CA ALA L 92 23.60 37.30 -100.51
C ALA L 92 23.92 38.69 -101.04
N GLU L 93 23.48 39.71 -100.31
CA GLU L 93 23.72 41.07 -100.72
C GLU L 93 25.21 41.35 -100.93
N VAL L 94 26.04 40.94 -99.98
CA VAL L 94 27.50 41.11 -100.09
C VAL L 94 28.12 40.37 -101.27
N GLU L 95 27.60 39.19 -101.59
CA GLU L 95 28.11 38.45 -102.75
C GLU L 95 27.66 39.07 -104.05
N ARG L 96 26.42 39.54 -104.07
CA ARG L 96 25.92 40.28 -105.22
C ARG L 96 26.76 41.54 -105.49
N LEU L 97 27.08 42.27 -104.43
CA LEU L 97 27.91 43.47 -104.53
C LEU L 97 29.36 43.17 -104.93
N ARG L 98 29.91 42.07 -104.40
CA ARG L 98 31.28 41.67 -104.71
C ARG L 98 31.48 41.36 -106.19
N ARG L 99 30.52 40.68 -106.81
CA ARG L 99 30.61 40.45 -108.24
C ARG L 99 30.36 41.72 -109.06
N GLU L 100 29.39 42.52 -108.64
CA GLU L 100 29.14 43.81 -109.26
C GLU L 100 30.26 44.84 -109.01
N ASN L 101 31.14 44.56 -108.04
CA ASN L 101 32.34 45.37 -107.79
C ASN L 101 33.45 45.01 -108.77
N GLN L 102 33.67 43.70 -108.92
CA GLN L 102 34.72 43.19 -109.79
C GLN L 102 34.39 43.33 -111.29
N VAL L 103 33.09 43.35 -111.61
CA VAL L 103 32.61 43.63 -112.97
C VAL L 103 32.92 45.06 -113.34
N LEU L 104 32.53 46.01 -112.49
CA LEU L 104 32.86 47.41 -112.72
C LEU L 104 34.38 47.62 -112.63
N SER L 105 35.02 46.92 -111.69
CA SER L 105 36.48 47.01 -111.48
C SER L 105 37.30 46.83 -112.76
N VAL L 106 36.92 45.85 -113.57
CA VAL L 106 37.68 45.53 -114.78
C VAL L 106 37.46 46.55 -115.91
N ARG L 107 36.22 47.04 -116.05
CA ARG L 107 35.90 48.07 -117.07
C ARG L 107 37.01 49.11 -117.20
N ILE L 108 37.28 49.79 -116.08
CA ILE L 108 38.20 50.92 -116.09
C ILE L 108 39.67 50.50 -116.05
N ALA L 109 39.99 49.50 -115.22
CA ALA L 109 41.37 49.01 -115.06
C ALA L 109 41.50 47.58 -115.57
CA CA M . -2.62 -9.13 -28.19
CA CA N . -7.65 2.57 -26.17
#